data_6OZH
#
_entry.id   6OZH
#
_cell.length_a   74.245
_cell.length_b   121.975
_cell.length_c   79.921
_cell.angle_alpha   90.00
_cell.angle_beta   98.75
_cell.angle_gamma   90.00
#
_symmetry.space_group_name_H-M   'P 1 21 1'
#
loop_
_entity.id
_entity.type
_entity.pdbx_description
1 polymer 'endonuclease V isoform X2'
2 polymer "DNA/RNA (5'-D(P*CP*GP*GP*TP*AP*AP*CP*CP*GP*I)-R(P*A)-D(P*TP*AP*TP*GP*CP*AP*GP*CP*AP*TP*TP*TP*C)-3')"
3 non-polymer 'CALCIUM ION'
#
loop_
_entity_poly.entity_id
_entity_poly.type
_entity_poly.pdbx_seq_one_letter_code
_entity_poly.pdbx_strand_id
1 'polypeptide(L)'
;MDNKITDEQIAEWNSKQEELRDKIIRSDGDFSLSKVKYVGGFDVSYSKINHELAVSCMVVLSYPEMKQVYMNTTKVKLSC
PYKSSYLAFREIEPFQQELQLLKAKKPNLEPQVFLLDGNGFFHIRRCGAASHLGVLSNTRTIGVAKSLIEIPEDGVKKTE
VISQFKRLRKTGGNELDIISTEKNEVLAKAVLYAPKVEKPIFVSAGHKCSLETAAKIVKGCTKTRIPEPIKMADKWSRKE
LKKIE
;
A,B,C,D
2 'polydeoxyribonucleotide/polyribonucleotide hybrid'
;(DC)(DG)(DG)(DT)(DA)(DA)(DC)(DC)(DG)(DI)A(DT)(DA)(DT)(DG)(DC)(DA)(DG)(DC)(DA)
(DT)(DT)(DT)(DC)
;
E,F,G,H
#
# COMPACT_ATOMS: atom_id res chain seq x y z
N ILE A 5 -28.60 -26.19 -8.56
CA ILE A 5 -30.02 -25.87 -8.65
C ILE A 5 -30.84 -27.08 -8.22
N THR A 6 -32.05 -26.83 -7.71
CA THR A 6 -32.95 -27.89 -7.29
C THR A 6 -34.26 -27.78 -8.07
N ASP A 7 -34.90 -28.93 -8.27
CA ASP A 7 -36.14 -28.95 -9.05
C ASP A 7 -37.29 -28.27 -8.32
N GLU A 8 -37.31 -28.34 -6.99
CA GLU A 8 -38.30 -27.57 -6.24
C GLU A 8 -38.05 -26.07 -6.37
N GLN A 9 -36.79 -25.66 -6.48
CA GLN A 9 -36.48 -24.25 -6.71
C GLN A 9 -36.94 -23.83 -8.10
N ILE A 10 -36.75 -24.67 -9.11
CA ILE A 10 -37.19 -24.33 -10.46
C ILE A 10 -38.71 -24.29 -10.52
N ALA A 11 -39.38 -25.22 -9.82
CA ALA A 11 -40.84 -25.21 -9.78
C ALA A 11 -41.38 -24.00 -9.01
N GLU A 12 -40.69 -23.62 -7.93
CA GLU A 12 -41.11 -22.44 -7.18
C GLU A 12 -40.82 -21.16 -7.94
N TRP A 13 -39.76 -21.15 -8.74
CA TRP A 13 -39.47 -19.97 -9.55
C TRP A 13 -40.48 -19.81 -10.68
N ASN A 14 -40.88 -20.93 -11.30
CA ASN A 14 -41.88 -20.86 -12.37
C ASN A 14 -43.20 -20.31 -11.85
N SER A 15 -43.62 -20.75 -10.65
CA SER A 15 -44.85 -20.22 -10.06
C SER A 15 -44.73 -18.74 -9.73
N LYS A 16 -43.54 -18.29 -9.34
CA LYS A 16 -43.35 -16.87 -9.07
C LYS A 16 -43.39 -16.06 -10.36
N GLN A 17 -42.81 -16.58 -11.43
CA GLN A 17 -42.84 -15.87 -12.70
C GLN A 17 -44.24 -15.85 -13.30
N GLU A 18 -45.04 -16.90 -13.06
CA GLU A 18 -46.42 -16.91 -13.54
C GLU A 18 -47.28 -15.98 -12.70
N GLU A 19 -47.02 -15.92 -11.39
CA GLU A 19 -47.75 -14.99 -10.52
C GLU A 19 -47.53 -13.55 -10.96
N LEU A 20 -46.30 -13.21 -11.35
CA LEU A 20 -45.95 -11.87 -11.79
C LEU A 20 -46.16 -11.64 -13.27
N ARG A 21 -46.40 -12.69 -14.06
CA ARG A 21 -46.48 -12.58 -15.51
C ARG A 21 -47.55 -11.56 -15.93
N ASP A 22 -48.77 -11.71 -15.42
CA ASP A 22 -49.87 -10.84 -15.82
C ASP A 22 -49.78 -9.44 -15.20
N LYS A 23 -48.92 -9.25 -14.21
CA LYS A 23 -48.81 -7.97 -13.51
C LYS A 23 -47.87 -7.00 -14.21
N ILE A 24 -47.32 -7.35 -15.36
CA ILE A 24 -46.41 -6.48 -16.09
C ILE A 24 -47.21 -5.60 -17.04
N ILE A 25 -47.02 -4.29 -16.93
CA ILE A 25 -47.70 -3.32 -17.79
C ILE A 25 -46.76 -2.96 -18.92
N ARG A 26 -47.22 -3.16 -20.16
CA ARG A 26 -46.44 -2.85 -21.35
C ARG A 26 -47.08 -1.71 -22.16
N SER A 27 -47.77 -0.80 -21.50
CA SER A 27 -48.39 0.35 -22.13
C SER A 27 -47.85 1.63 -21.52
N ASP A 28 -47.77 2.68 -22.34
CA ASP A 28 -47.24 3.95 -21.85
C ASP A 28 -48.19 4.61 -20.85
N GLY A 29 -49.49 4.64 -21.18
CA GLY A 29 -50.44 5.35 -20.36
C GLY A 29 -50.21 6.84 -20.39
N ASP A 30 -49.97 7.44 -19.22
CA ASP A 30 -49.67 8.86 -19.12
C ASP A 30 -48.18 9.14 -19.22
N PHE A 31 -47.41 8.25 -19.85
CA PHE A 31 -45.98 8.39 -19.98
C PHE A 31 -45.61 8.72 -21.43
N SER A 32 -44.57 9.53 -21.57
CA SER A 32 -44.08 9.91 -22.89
C SER A 32 -42.58 10.16 -22.82
N LEU A 33 -41.95 10.23 -24.00
CA LEU A 33 -40.51 10.50 -24.05
C LEU A 33 -40.19 11.89 -23.50
N SER A 34 -41.08 12.86 -23.69
CA SER A 34 -40.82 14.21 -23.19
C SER A 34 -40.69 14.24 -21.67
N LYS A 35 -41.32 13.29 -20.98
CA LYS A 35 -41.23 13.26 -19.53
C LYS A 35 -39.87 12.79 -19.04
N VAL A 36 -39.11 12.09 -19.89
CA VAL A 36 -37.83 11.53 -19.48
C VAL A 36 -36.80 12.63 -19.31
N LYS A 37 -36.59 13.05 -18.06
CA LYS A 37 -35.51 13.97 -17.73
C LYS A 37 -34.27 13.27 -17.22
N TYR A 38 -34.44 12.14 -16.53
CA TYR A 38 -33.34 11.30 -16.07
C TYR A 38 -33.61 9.85 -16.45
N VAL A 39 -32.55 9.14 -16.81
CA VAL A 39 -32.62 7.72 -17.12
C VAL A 39 -31.58 6.99 -16.28
N GLY A 40 -31.98 5.89 -15.66
CA GLY A 40 -31.12 5.16 -14.74
C GLY A 40 -30.59 3.86 -15.35
N GLY A 41 -29.43 3.43 -14.86
CA GLY A 41 -28.85 2.17 -15.27
C GLY A 41 -28.43 1.37 -14.05
N PHE A 42 -28.35 0.06 -14.25
CA PHE A 42 -28.01 -0.85 -13.15
C PHE A 42 -27.34 -2.10 -13.71
N ASP A 43 -26.25 -2.51 -13.08
CA ASP A 43 -25.53 -3.71 -13.49
C ASP A 43 -24.87 -4.34 -12.27
N VAL A 44 -24.61 -5.64 -12.37
CA VAL A 44 -23.91 -6.38 -11.33
C VAL A 44 -22.69 -7.04 -11.96
N SER A 45 -21.53 -6.85 -11.33
CA SER A 45 -20.28 -7.49 -11.74
C SER A 45 -19.91 -8.54 -10.71
N TYR A 46 -19.53 -9.72 -11.19
CA TYR A 46 -19.30 -10.88 -10.34
C TYR A 46 -17.82 -11.25 -10.33
N SER A 47 -17.40 -11.92 -9.27
CA SER A 47 -16.01 -12.35 -9.14
C SER A 47 -15.93 -13.83 -9.49
N LYS A 48 -14.99 -14.18 -10.38
CA LYS A 48 -14.78 -15.59 -10.74
C LYS A 48 -14.10 -16.36 -9.63
N ILE A 49 -13.22 -15.69 -8.87
CA ILE A 49 -12.50 -16.39 -7.81
C ILE A 49 -13.36 -16.60 -6.56
N ASN A 50 -14.39 -15.79 -6.36
CA ASN A 50 -15.26 -15.89 -5.20
C ASN A 50 -16.68 -16.10 -5.69
N HIS A 51 -17.25 -17.27 -5.38
CA HIS A 51 -18.53 -17.68 -5.94
C HIS A 51 -19.69 -16.83 -5.44
N GLU A 52 -19.52 -16.13 -4.32
CA GLU A 52 -20.61 -15.38 -3.70
C GLU A 52 -20.33 -13.90 -3.56
N LEU A 53 -19.24 -13.39 -4.15
CA LEU A 53 -18.89 -11.99 -4.07
C LEU A 53 -19.24 -11.29 -5.37
N ALA A 54 -19.90 -10.13 -5.27
CA ALA A 54 -20.22 -9.32 -6.43
C ALA A 54 -20.33 -7.86 -6.01
N VAL A 55 -20.46 -6.98 -7.00
CA VAL A 55 -20.60 -5.54 -6.77
C VAL A 55 -21.72 -5.03 -7.66
N SER A 56 -22.75 -4.45 -7.05
CA SER A 56 -23.84 -3.85 -7.80
C SER A 56 -23.59 -2.36 -7.96
N CYS A 57 -24.08 -1.80 -9.07
CA CYS A 57 -23.90 -0.39 -9.35
C CYS A 57 -25.17 0.18 -9.97
N MET A 58 -25.61 1.33 -9.46
CA MET A 58 -26.75 2.04 -10.00
C MET A 58 -26.31 3.47 -10.33
N VAL A 59 -26.65 3.92 -11.54
CA VAL A 59 -26.28 5.24 -12.02
C VAL A 59 -27.52 5.95 -12.54
N VAL A 60 -27.45 7.28 -12.55
CA VAL A 60 -28.50 8.12 -13.12
C VAL A 60 -27.85 9.08 -14.09
N LEU A 61 -28.41 9.17 -15.29
CA LEU A 61 -27.88 10.04 -16.33
C LEU A 61 -28.96 11.01 -16.80
N SER A 62 -28.53 12.21 -17.17
CA SER A 62 -29.45 13.24 -17.64
C SER A 62 -29.87 12.95 -19.06
N TYR A 63 -31.17 13.00 -19.32
CA TYR A 63 -31.70 12.75 -20.66
C TYR A 63 -32.05 14.07 -21.33
N PRO A 64 -31.65 14.23 -22.61
CA PRO A 64 -30.91 13.25 -23.40
C PRO A 64 -29.40 13.49 -23.46
N GLU A 65 -28.88 14.42 -22.65
CA GLU A 65 -27.47 14.77 -22.73
C GLU A 65 -26.54 13.63 -22.31
N MET A 66 -27.04 12.65 -21.56
CA MET A 66 -26.26 11.47 -21.16
C MET A 66 -25.03 11.88 -20.34
N LYS A 67 -25.25 12.76 -19.38
CA LYS A 67 -24.22 13.16 -18.42
C LYS A 67 -24.54 12.52 -17.08
N GLN A 68 -23.58 11.76 -16.55
CA GLN A 68 -23.80 11.05 -15.29
C GLN A 68 -23.95 12.04 -14.14
N VAL A 69 -25.05 11.90 -13.39
CA VAL A 69 -25.32 12.78 -12.25
C VAL A 69 -25.35 12.02 -10.92
N TYR A 70 -25.38 10.69 -10.95
CA TYR A 70 -25.40 9.90 -9.73
C TYR A 70 -24.73 8.57 -10.00
N MET A 71 -24.00 8.05 -9.01
CA MET A 71 -23.37 6.74 -9.13
C MET A 71 -23.10 6.21 -7.73
N ASN A 72 -23.48 4.95 -7.49
CA ASN A 72 -23.19 4.27 -6.23
C ASN A 72 -22.88 2.81 -6.51
N THR A 73 -21.94 2.25 -5.75
CA THR A 73 -21.54 0.86 -5.86
C THR A 73 -21.57 0.21 -4.48
N THR A 74 -22.11 -1.00 -4.42
CA THR A 74 -22.33 -1.70 -3.16
C THR A 74 -21.85 -3.14 -3.25
N LYS A 75 -21.18 -3.61 -2.20
CA LYS A 75 -20.78 -4.99 -2.10
C LYS A 75 -22.01 -5.88 -1.90
N VAL A 76 -22.04 -7.00 -2.61
CA VAL A 76 -23.23 -7.85 -2.68
C VAL A 76 -22.87 -9.27 -2.26
N LYS A 77 -23.77 -9.90 -1.52
CA LYS A 77 -23.66 -11.31 -1.14
C LYS A 77 -24.71 -12.10 -1.92
N LEU A 78 -24.25 -13.08 -2.69
CA LEU A 78 -25.14 -13.84 -3.57
C LEU A 78 -25.67 -15.08 -2.87
N SER A 79 -26.96 -15.32 -3.03
CA SER A 79 -27.60 -16.55 -2.57
C SER A 79 -28.29 -17.27 -3.72
N CYS A 80 -27.78 -17.09 -4.95
CA CYS A 80 -28.41 -17.67 -6.12
C CYS A 80 -27.41 -17.82 -7.24
N PRO A 81 -27.38 -18.94 -7.96
CA PRO A 81 -26.57 -19.07 -9.15
C PRO A 81 -27.34 -18.59 -10.39
N TYR A 82 -26.59 -18.42 -11.48
CA TYR A 82 -27.21 -18.00 -12.73
C TYR A 82 -27.77 -19.19 -13.49
N LYS A 83 -29.01 -19.06 -13.94
CA LYS A 83 -29.60 -19.99 -14.90
C LYS A 83 -30.46 -19.19 -15.86
N SER A 84 -30.40 -19.53 -17.14
CA SER A 84 -31.16 -18.83 -18.16
C SER A 84 -32.65 -18.86 -17.82
N SER A 85 -33.34 -17.77 -18.13
CA SER A 85 -34.76 -17.53 -17.85
C SER A 85 -35.04 -17.33 -16.37
N TYR A 86 -34.00 -17.24 -15.52
CA TYR A 86 -34.17 -17.01 -14.10
C TYR A 86 -33.20 -15.96 -13.58
N LEU A 87 -32.79 -15.03 -14.44
CA LEU A 87 -31.84 -13.99 -14.03
C LEU A 87 -32.45 -13.08 -12.97
N ALA A 88 -33.78 -12.96 -12.95
CA ALA A 88 -34.43 -12.03 -12.04
C ALA A 88 -34.10 -12.35 -10.58
N PHE A 89 -34.21 -13.62 -10.20
CA PHE A 89 -33.96 -14.00 -8.82
C PHE A 89 -32.51 -13.76 -8.39
N ARG A 90 -31.61 -13.68 -9.36
CA ARG A 90 -30.21 -13.40 -9.05
C ARG A 90 -29.97 -11.95 -8.70
N GLU A 91 -30.62 -11.02 -9.41
CA GLU A 91 -30.33 -9.60 -9.28
C GLU A 91 -31.49 -8.78 -8.71
N ILE A 92 -32.58 -9.43 -8.26
CA ILE A 92 -33.72 -8.68 -7.76
C ILE A 92 -33.38 -7.98 -6.45
N GLU A 93 -32.70 -8.69 -5.54
CA GLU A 93 -32.40 -8.12 -4.23
C GLU A 93 -31.39 -6.98 -4.32
N PRO A 94 -30.25 -7.11 -5.03
CA PRO A 94 -29.33 -5.96 -5.14
C PRO A 94 -29.94 -4.74 -5.80
N PHE A 95 -30.85 -4.94 -6.77
CA PHE A 95 -31.48 -3.81 -7.44
C PHE A 95 -32.34 -2.99 -6.49
N GLN A 96 -33.16 -3.67 -5.67
CA GLN A 96 -34.00 -2.96 -4.73
C GLN A 96 -33.18 -2.25 -3.67
N GLN A 97 -32.07 -2.87 -3.25
CA GLN A 97 -31.17 -2.21 -2.31
C GLN A 97 -30.56 -0.96 -2.93
N GLU A 98 -30.19 -1.02 -4.21
CA GLU A 98 -29.68 0.16 -4.89
C GLU A 98 -30.77 1.21 -5.08
N LEU A 99 -31.97 0.79 -5.44
CA LEU A 99 -33.08 1.73 -5.61
C LEU A 99 -33.42 2.40 -4.30
N GLN A 100 -33.40 1.64 -3.21
CA GLN A 100 -33.65 2.21 -1.89
C GLN A 100 -32.60 3.25 -1.53
N LEU A 101 -31.33 2.96 -1.82
CA LEU A 101 -30.27 3.91 -1.48
C LEU A 101 -30.37 5.18 -2.31
N LEU A 102 -30.77 5.06 -3.58
CA LEU A 102 -30.95 6.24 -4.42
C LEU A 102 -32.14 7.06 -3.95
N LYS A 103 -33.26 6.40 -3.66
CA LYS A 103 -34.46 7.12 -3.22
C LYS A 103 -34.24 7.78 -1.87
N ALA A 104 -33.33 7.25 -1.05
CA ALA A 104 -33.05 7.82 0.26
C ALA A 104 -32.04 8.95 0.20
N LYS A 105 -30.89 8.72 -0.47
CA LYS A 105 -29.83 9.72 -0.51
C LYS A 105 -30.24 10.92 -1.35
N LYS A 106 -30.54 10.68 -2.63
CA LYS A 106 -30.90 11.75 -3.57
C LYS A 106 -32.20 11.38 -4.27
N PRO A 107 -33.35 11.70 -3.66
CA PRO A 107 -34.63 11.31 -4.26
C PRO A 107 -35.03 12.17 -5.44
N ASN A 108 -34.44 13.36 -5.60
CA ASN A 108 -34.77 14.22 -6.73
C ASN A 108 -34.21 13.68 -8.05
N LEU A 109 -33.23 12.79 -7.99
CA LEU A 109 -32.61 12.24 -9.20
C LEU A 109 -33.19 10.89 -9.58
N GLU A 110 -34.31 10.49 -8.98
CA GLU A 110 -34.96 9.24 -9.35
C GLU A 110 -35.41 9.31 -10.80
N PRO A 111 -34.88 8.45 -11.68
CA PRO A 111 -35.19 8.58 -13.11
C PRO A 111 -36.57 8.06 -13.44
N GLN A 112 -37.11 8.57 -14.55
CA GLN A 112 -38.41 8.12 -15.02
C GLN A 112 -38.37 6.67 -15.48
N VAL A 113 -37.22 6.22 -16.02
CA VAL A 113 -37.11 4.88 -16.58
C VAL A 113 -35.71 4.34 -16.27
N PHE A 114 -35.62 3.02 -16.15
CA PHE A 114 -34.35 2.32 -15.92
C PHE A 114 -34.01 1.44 -17.10
N LEU A 115 -32.73 1.39 -17.44
CA LEU A 115 -32.21 0.43 -18.41
C LEU A 115 -31.54 -0.71 -17.64
N LEU A 116 -32.00 -1.92 -17.88
CA LEU A 116 -31.52 -3.08 -17.15
C LEU A 116 -30.90 -4.10 -18.09
N ASP A 117 -29.80 -4.72 -17.66
CA ASP A 117 -29.18 -5.79 -18.42
C ASP A 117 -30.14 -6.98 -18.51
N GLY A 118 -30.34 -7.47 -19.72
CA GLY A 118 -31.25 -8.58 -19.95
C GLY A 118 -32.56 -8.14 -20.55
N ASN A 119 -33.46 -9.11 -20.66
CA ASN A 119 -34.74 -8.92 -21.32
C ASN A 119 -35.85 -8.64 -20.32
N GLY A 120 -36.98 -8.18 -20.85
CA GLY A 120 -38.18 -7.98 -20.05
C GLY A 120 -39.31 -8.85 -20.53
N PHE A 121 -40.11 -8.35 -21.47
CA PHE A 121 -41.18 -9.16 -22.05
C PHE A 121 -40.62 -10.30 -22.90
N PHE A 122 -39.41 -10.13 -23.44
CA PHE A 122 -38.76 -11.17 -24.25
C PHE A 122 -38.31 -12.28 -23.32
N HIS A 123 -39.27 -13.10 -22.89
CA HIS A 123 -39.01 -14.13 -21.89
C HIS A 123 -39.97 -15.29 -22.13
N ILE A 124 -39.56 -16.48 -21.70
CA ILE A 124 -40.35 -17.68 -21.97
C ILE A 124 -41.69 -17.62 -21.25
N ARG A 125 -41.70 -17.09 -20.02
CA ARG A 125 -42.94 -16.86 -19.27
C ARG A 125 -43.35 -15.39 -19.29
N ARG A 126 -42.82 -14.62 -20.25
CA ARG A 126 -43.14 -13.21 -20.41
C ARG A 126 -42.86 -12.41 -19.14
N CYS A 127 -41.81 -12.80 -18.41
CA CYS A 127 -41.47 -12.17 -17.14
C CYS A 127 -39.94 -12.21 -16.98
N GLY A 128 -39.26 -11.43 -17.83
CA GLY A 128 -37.82 -11.30 -17.74
C GLY A 128 -37.39 -10.51 -16.52
N ALA A 129 -36.07 -10.43 -16.33
CA ALA A 129 -35.52 -9.75 -15.17
C ALA A 129 -35.87 -8.27 -15.17
N ALA A 130 -35.86 -7.64 -16.34
CA ALA A 130 -36.23 -6.23 -16.42
C ALA A 130 -37.68 -6.02 -16.01
N SER A 131 -38.58 -6.87 -16.50
CA SER A 131 -39.97 -6.79 -16.09
C SER A 131 -40.13 -7.20 -14.63
N HIS A 132 -39.47 -8.29 -14.23
CA HIS A 132 -39.59 -8.78 -12.86
C HIS A 132 -39.10 -7.72 -11.87
N LEU A 133 -37.91 -7.17 -12.11
CA LEU A 133 -37.41 -6.11 -11.23
C LEU A 133 -38.28 -4.87 -11.30
N GLY A 134 -38.86 -4.59 -12.47
CA GLY A 134 -39.70 -3.41 -12.60
C GLY A 134 -40.97 -3.50 -11.76
N VAL A 135 -41.69 -4.61 -11.87
CA VAL A 135 -42.96 -4.74 -11.15
C VAL A 135 -42.72 -4.81 -9.64
N LEU A 136 -41.72 -5.57 -9.22
CA LEU A 136 -41.45 -5.71 -7.79
C LEU A 136 -40.86 -4.46 -7.16
N SER A 137 -40.60 -3.41 -7.94
CA SER A 137 -40.09 -2.16 -7.42
CA SER A 137 -40.10 -2.16 -7.42
C SER A 137 -40.97 -0.97 -7.79
N ASN A 138 -42.03 -1.18 -8.58
CA ASN A 138 -42.92 -0.12 -9.05
C ASN A 138 -42.11 0.98 -9.74
N THR A 139 -41.34 0.57 -10.75
CA THR A 139 -40.52 1.48 -11.51
C THR A 139 -40.62 1.10 -12.99
N ARG A 140 -40.37 2.09 -13.85
CA ARG A 140 -40.42 1.89 -15.29
C ARG A 140 -39.07 1.37 -15.76
N THR A 141 -39.07 0.20 -16.40
CA THR A 141 -37.84 -0.47 -16.80
C THR A 141 -37.91 -0.84 -18.27
N ILE A 142 -36.73 -1.00 -18.87
CA ILE A 142 -36.58 -1.42 -20.25
C ILE A 142 -35.58 -2.56 -20.30
N GLY A 143 -35.94 -3.64 -20.99
CA GLY A 143 -35.02 -4.75 -21.16
C GLY A 143 -34.11 -4.58 -22.35
N VAL A 144 -32.80 -4.60 -22.11
CA VAL A 144 -31.79 -4.45 -23.15
C VAL A 144 -30.79 -5.59 -23.01
N ALA A 145 -30.78 -6.50 -23.97
CA ALA A 145 -29.90 -7.66 -23.96
C ALA A 145 -28.81 -7.50 -25.02
N LYS A 146 -27.59 -7.86 -24.66
CA LYS A 146 -26.47 -7.79 -25.59
C LYS A 146 -26.39 -9.01 -26.49
N SER A 147 -27.05 -10.11 -26.13
CA SER A 147 -27.09 -11.32 -26.93
C SER A 147 -28.52 -11.81 -27.02
N LEU A 148 -28.76 -12.69 -27.98
CA LEU A 148 -30.12 -13.13 -28.30
C LEU A 148 -30.49 -14.36 -27.48
N ILE A 149 -31.54 -14.23 -26.67
CA ILE A 149 -32.13 -15.39 -26.03
C ILE A 149 -32.92 -16.19 -27.07
N GLU A 150 -32.85 -17.51 -26.97
CA GLU A 150 -33.57 -18.39 -27.87
C GLU A 150 -34.73 -19.04 -27.12
N ILE A 151 -35.93 -18.93 -27.68
CA ILE A 151 -37.12 -19.51 -27.08
C ILE A 151 -37.74 -20.47 -28.09
N PRO A 152 -37.40 -21.76 -28.04
CA PRO A 152 -37.98 -22.70 -29.02
C PRO A 152 -39.49 -22.84 -28.89
N GLU A 153 -40.04 -22.62 -27.70
CA GLU A 153 -41.49 -22.69 -27.54
C GLU A 153 -42.20 -21.56 -28.27
N ASP A 154 -41.49 -20.49 -28.60
CA ASP A 154 -42.06 -19.37 -29.34
C ASP A 154 -41.49 -19.22 -30.75
N GLY A 155 -40.70 -20.20 -31.20
CA GLY A 155 -40.15 -20.11 -32.54
C GLY A 155 -39.04 -19.11 -32.72
N VAL A 156 -38.26 -18.86 -31.68
CA VAL A 156 -37.13 -17.92 -31.73
C VAL A 156 -35.84 -18.75 -31.79
N LYS A 157 -35.28 -18.85 -32.99
CA LYS A 157 -34.00 -19.48 -33.23
C LYS A 157 -32.99 -18.42 -33.63
N LYS A 158 -31.76 -18.52 -33.09
CA LYS A 158 -30.78 -17.45 -33.27
C LYS A 158 -30.37 -17.32 -34.73
N THR A 159 -30.10 -18.43 -35.41
CA THR A 159 -29.60 -18.38 -36.77
C THR A 159 -30.59 -17.70 -37.71
N GLU A 160 -31.90 -17.94 -37.50
CA GLU A 160 -32.90 -17.34 -38.37
C GLU A 160 -33.09 -15.86 -38.07
N VAL A 161 -32.90 -15.45 -36.82
CA VAL A 161 -33.08 -14.04 -36.47
C VAL A 161 -31.92 -13.19 -36.97
N ILE A 162 -30.68 -13.67 -36.79
CA ILE A 162 -29.53 -12.90 -37.22
C ILE A 162 -29.46 -12.83 -38.75
N SER A 163 -29.86 -13.91 -39.43
CA SER A 163 -29.88 -13.89 -40.88
C SER A 163 -30.97 -12.96 -41.40
N GLN A 164 -32.12 -12.92 -40.71
CA GLN A 164 -33.16 -11.99 -41.09
C GLN A 164 -32.74 -10.55 -40.84
N PHE A 165 -32.02 -10.30 -39.73
CA PHE A 165 -31.52 -8.96 -39.47
C PHE A 165 -30.39 -8.60 -40.42
N LYS A 166 -29.63 -9.59 -40.90
CA LYS A 166 -28.58 -9.32 -41.88
C LYS A 166 -29.18 -8.84 -43.20
N ARG A 167 -30.25 -9.49 -43.66
CA ARG A 167 -30.90 -9.04 -44.88
C ARG A 167 -31.50 -7.65 -44.71
N LEU A 168 -32.15 -7.40 -43.57
CA LEU A 168 -32.72 -6.08 -43.31
C LEU A 168 -31.62 -5.01 -43.28
N ARG A 169 -30.45 -5.35 -42.75
CA ARG A 169 -29.35 -4.38 -42.72
C ARG A 169 -28.90 -4.01 -44.13
N LYS A 170 -28.85 -4.99 -45.04
CA LYS A 170 -28.47 -4.69 -46.42
C LYS A 170 -29.53 -3.85 -47.11
N THR A 171 -30.80 -4.01 -46.75
CA THR A 171 -31.85 -3.12 -47.29
C THR A 171 -31.73 -1.71 -46.75
N GLY A 172 -31.05 -1.52 -45.62
CA GLY A 172 -30.89 -0.21 -45.02
C GLY A 172 -31.67 0.02 -43.75
N GLY A 173 -32.36 -0.99 -43.22
CA GLY A 173 -33.14 -0.84 -42.02
C GLY A 173 -32.28 -0.92 -40.76
N ASN A 174 -32.95 -0.68 -39.62
CA ASN A 174 -32.28 -0.75 -38.32
C ASN A 174 -33.11 -1.38 -37.22
N GLU A 175 -34.41 -1.57 -37.40
CA GLU A 175 -35.26 -2.20 -36.40
C GLU A 175 -35.96 -3.41 -37.02
N LEU A 176 -35.99 -4.52 -36.27
CA LEU A 176 -36.60 -5.75 -36.72
C LEU A 176 -37.46 -6.33 -35.61
N ASP A 177 -38.75 -6.48 -35.87
CA ASP A 177 -39.65 -7.09 -34.90
C ASP A 177 -39.34 -8.57 -34.76
N ILE A 178 -39.20 -9.02 -33.52
CA ILE A 178 -39.02 -10.43 -33.21
C ILE A 178 -40.39 -10.96 -32.77
N ILE A 179 -41.03 -11.75 -33.61
CA ILE A 179 -42.41 -12.18 -33.41
C ILE A 179 -42.41 -13.65 -33.02
N SER A 180 -43.18 -13.97 -31.99
CA SER A 180 -43.47 -15.37 -31.67
C SER A 180 -44.41 -15.95 -32.72
N THR A 181 -43.93 -16.95 -33.46
CA THR A 181 -44.75 -17.54 -34.52
C THR A 181 -45.99 -18.24 -33.97
N GLU A 182 -45.94 -18.68 -32.70
CA GLU A 182 -47.05 -19.45 -32.13
C GLU A 182 -48.15 -18.53 -31.60
N LYS A 183 -47.79 -17.43 -30.95
CA LYS A 183 -48.76 -16.51 -30.38
C LYS A 183 -49.04 -15.29 -31.26
N ASN A 184 -48.22 -15.07 -32.29
CA ASN A 184 -48.31 -13.89 -33.16
C ASN A 184 -48.28 -12.60 -32.35
N GLU A 185 -47.42 -12.55 -31.34
CA GLU A 185 -47.19 -11.35 -30.55
C GLU A 185 -45.74 -10.92 -30.69
N VAL A 186 -45.52 -9.62 -30.88
CA VAL A 186 -44.17 -9.09 -30.93
C VAL A 186 -43.55 -9.16 -29.54
N LEU A 187 -42.40 -9.82 -29.44
CA LEU A 187 -41.72 -10.00 -28.15
C LEU A 187 -40.65 -8.93 -27.91
N ALA A 188 -39.90 -8.57 -28.94
CA ALA A 188 -38.83 -7.60 -28.80
C ALA A 188 -38.48 -7.04 -30.17
N LYS A 189 -37.69 -5.97 -30.17
CA LYS A 189 -37.15 -5.38 -31.38
C LYS A 189 -35.63 -5.52 -31.38
N ALA A 190 -35.09 -6.10 -32.45
CA ALA A 190 -33.65 -6.12 -32.67
C ALA A 190 -33.27 -4.80 -33.34
N VAL A 191 -32.51 -3.97 -32.62
CA VAL A 191 -32.27 -2.60 -33.05
C VAL A 191 -30.78 -2.37 -33.23
N LEU A 192 -30.46 -1.33 -34.01
CA LEU A 192 -29.08 -0.96 -34.31
C LEU A 192 -29.05 0.55 -34.48
N TYR A 193 -28.71 1.27 -33.40
CA TYR A 193 -28.73 2.72 -33.38
C TYR A 193 -27.34 3.34 -33.35
N ALA A 194 -26.28 2.53 -33.35
CA ALA A 194 -24.95 3.09 -33.22
C ALA A 194 -24.20 3.04 -34.53
N PRO A 195 -23.37 4.05 -34.83
CA PRO A 195 -22.57 4.01 -36.05
C PRO A 195 -21.43 3.00 -35.95
N LYS A 196 -21.02 2.50 -37.12
CA LYS A 196 -19.96 1.50 -37.22
C LYS A 196 -20.28 0.27 -36.36
N VAL A 197 -21.54 -0.15 -36.39
CA VAL A 197 -22.00 -1.30 -35.63
C VAL A 197 -22.87 -2.15 -36.54
N GLU A 198 -22.71 -3.48 -36.45
CA GLU A 198 -23.56 -4.40 -37.18
C GLU A 198 -24.21 -5.46 -36.30
N LYS A 199 -23.69 -5.73 -35.11
CA LYS A 199 -24.31 -6.70 -34.21
C LYS A 199 -25.44 -6.02 -33.44
N PRO A 200 -26.68 -6.51 -33.55
CA PRO A 200 -27.79 -5.80 -32.92
C PRO A 200 -27.95 -6.12 -31.44
N ILE A 201 -28.54 -5.18 -30.73
CA ILE A 201 -28.99 -5.39 -29.36
C ILE A 201 -30.50 -5.57 -29.39
N PHE A 202 -31.05 -6.14 -28.33
CA PHE A 202 -32.44 -6.60 -28.30
C PHE A 202 -33.19 -5.88 -27.20
N VAL A 203 -34.02 -4.91 -27.60
CA VAL A 203 -34.82 -4.13 -26.66
C VAL A 203 -36.18 -4.77 -26.51
N SER A 204 -36.63 -4.93 -25.27
CA SER A 204 -37.94 -5.49 -24.97
C SER A 204 -38.57 -4.66 -23.86
N ALA A 205 -39.90 -4.66 -23.84
CA ALA A 205 -40.62 -3.88 -22.83
C ALA A 205 -40.36 -4.44 -21.45
N GLY A 206 -40.13 -3.54 -20.49
CA GLY A 206 -39.91 -3.96 -19.12
C GLY A 206 -41.15 -3.83 -18.28
N HIS A 207 -41.47 -2.61 -17.86
CA HIS A 207 -42.64 -2.40 -17.02
C HIS A 207 -43.09 -0.95 -17.17
N LYS A 208 -44.41 -0.76 -17.27
CA LYS A 208 -45.02 0.58 -17.35
C LYS A 208 -44.49 1.36 -18.56
N CYS A 209 -44.22 0.66 -19.66
CA CYS A 209 -43.68 1.29 -20.86
C CYS A 209 -43.94 0.37 -22.04
N SER A 210 -44.24 0.95 -23.19
CA SER A 210 -44.51 0.18 -24.39
C SER A 210 -43.21 -0.17 -25.10
N LEU A 211 -43.30 -1.13 -26.02
CA LEU A 211 -42.12 -1.58 -26.76
C LEU A 211 -41.57 -0.48 -27.66
N GLU A 212 -42.45 0.23 -28.37
CA GLU A 212 -41.99 1.29 -29.26
C GLU A 212 -41.39 2.44 -28.49
N THR A 213 -42.02 2.83 -27.37
CA THR A 213 -41.45 3.89 -26.54
C THR A 213 -40.11 3.47 -25.95
N ALA A 214 -40.00 2.21 -25.53
CA ALA A 214 -38.71 1.72 -25.04
C ALA A 214 -37.63 1.82 -26.11
N ALA A 215 -37.99 1.50 -27.37
CA ALA A 215 -37.03 1.61 -28.45
C ALA A 215 -36.59 3.06 -28.67
N LYS A 216 -37.54 4.00 -28.55
CA LYS A 216 -37.19 5.41 -28.69
C LYS A 216 -36.23 5.85 -27.60
N ILE A 217 -36.46 5.40 -26.36
CA ILE A 217 -35.58 5.77 -25.25
C ILE A 217 -34.18 5.19 -25.48
N VAL A 218 -34.11 3.93 -25.91
CA VAL A 218 -32.81 3.31 -26.18
C VAL A 218 -32.08 4.05 -27.29
N LYS A 219 -32.82 4.48 -28.32
CA LYS A 219 -32.20 5.25 -29.40
C LYS A 219 -31.64 6.56 -28.88
N GLY A 220 -32.38 7.23 -27.98
CA GLY A 220 -31.85 8.43 -27.35
C GLY A 220 -30.67 8.16 -26.45
N CYS A 221 -30.64 6.99 -25.82
CA CYS A 221 -29.54 6.60 -24.94
C CYS A 221 -28.35 6.04 -25.70
N THR A 222 -28.44 5.91 -27.02
CA THR A 222 -27.40 5.26 -27.80
C THR A 222 -26.31 6.26 -28.19
N LYS A 223 -25.09 5.99 -27.76
CA LYS A 223 -23.90 6.65 -28.29
C LYS A 223 -23.04 5.65 -29.05
N THR A 224 -22.50 4.64 -28.37
CA THR A 224 -21.93 3.47 -29.00
C THR A 224 -22.97 2.35 -28.97
N ARG A 225 -22.54 1.10 -29.20
CA ARG A 225 -23.48 -0.02 -29.24
C ARG A 225 -24.20 -0.17 -27.90
N ILE A 226 -23.46 -0.04 -26.79
CA ILE A 226 -24.05 -0.16 -25.46
C ILE A 226 -24.59 1.20 -25.05
N PRO A 227 -25.86 1.28 -24.62
CA PRO A 227 -26.39 2.56 -24.16
C PRO A 227 -25.60 3.09 -22.96
N GLU A 228 -25.53 4.42 -22.87
CA GLU A 228 -24.69 5.05 -21.85
C GLU A 228 -25.04 4.65 -20.42
N PRO A 229 -26.31 4.59 -19.99
CA PRO A 229 -26.58 4.14 -18.61
C PRO A 229 -26.05 2.75 -18.31
N ILE A 230 -26.24 1.80 -19.21
CA ILE A 230 -25.71 0.46 -19.00
C ILE A 230 -24.18 0.48 -19.07
N LYS A 231 -23.63 1.26 -20.00
CA LYS A 231 -22.17 1.34 -20.13
C LYS A 231 -21.53 1.83 -18.84
N MET A 232 -22.10 2.88 -18.23
CA MET A 232 -21.49 3.44 -17.03
C MET A 232 -21.62 2.48 -15.85
N ALA A 233 -22.81 1.92 -15.65
CA ALA A 233 -23.01 0.97 -14.56
C ALA A 233 -22.11 -0.24 -14.71
N ASP A 234 -21.99 -0.77 -15.93
CA ASP A 234 -21.05 -1.87 -16.18
C ASP A 234 -19.63 -1.46 -15.84
N LYS A 235 -19.23 -0.24 -16.21
CA LYS A 235 -17.86 0.19 -15.99
C LYS A 235 -17.54 0.30 -14.50
N TRP A 236 -18.38 1.03 -13.75
CA TRP A 236 -18.07 1.29 -12.35
C TRP A 236 -18.22 0.04 -11.48
N SER A 237 -19.16 -0.84 -11.82
CA SER A 237 -19.31 -2.07 -11.05
C SER A 237 -18.08 -2.96 -11.18
N ARG A 238 -17.57 -3.12 -12.40
CA ARG A 238 -16.37 -3.94 -12.60
C ARG A 238 -15.14 -3.30 -11.97
N LYS A 239 -15.01 -1.98 -12.10
CA LYS A 239 -13.85 -1.31 -11.53
C LYS A 239 -13.83 -1.46 -10.02
N GLU A 240 -14.98 -1.26 -9.37
CA GLU A 240 -15.03 -1.42 -7.92
C GLU A 240 -14.86 -2.88 -7.52
N LEU A 241 -15.34 -3.80 -8.35
CA LEU A 241 -15.17 -5.22 -8.07
C LEU A 241 -13.69 -5.61 -8.07
N LYS A 242 -12.92 -5.09 -9.02
CA LYS A 242 -11.50 -5.40 -9.11
C LYS A 242 -10.70 -4.82 -7.95
N LYS A 243 -11.31 -3.97 -7.11
CA LYS A 243 -10.63 -3.52 -5.91
C LYS A 243 -10.71 -4.57 -4.80
N ILE A 244 -11.78 -5.36 -4.79
CA ILE A 244 -11.90 -6.51 -3.90
C ILE A 244 -11.78 -7.82 -4.68
N GLU A 245 -11.11 -7.77 -5.84
CA GLU A 245 -10.79 -8.94 -6.65
C GLU A 245 -12.03 -9.63 -7.23
N ILE B 5 -8.26 -14.38 35.88
CA ILE B 5 -9.67 -14.13 35.67
C ILE B 5 -10.48 -15.39 36.00
N THR B 6 -11.80 -15.22 36.16
CA THR B 6 -12.70 -16.32 36.42
C THR B 6 -13.93 -16.16 35.54
N ASP B 7 -14.76 -17.20 35.52
CA ASP B 7 -16.03 -17.13 34.81
C ASP B 7 -17.11 -16.45 35.62
N GLU B 8 -17.00 -16.46 36.95
CA GLU B 8 -17.92 -15.68 37.77
C GLU B 8 -17.67 -14.19 37.61
N GLN B 9 -16.42 -13.80 37.30
CA GLN B 9 -16.11 -12.39 37.12
C GLN B 9 -16.61 -11.86 35.77
N ILE B 10 -16.45 -12.64 34.69
CA ILE B 10 -16.91 -12.19 33.40
C ILE B 10 -18.44 -12.16 33.38
N ALA B 11 -19.08 -13.12 34.05
CA ALA B 11 -20.54 -13.10 34.14
C ALA B 11 -21.02 -11.92 34.98
N GLU B 12 -20.28 -11.57 36.04
CA GLU B 12 -20.63 -10.42 36.84
C GLU B 12 -20.31 -9.11 36.11
N TRP B 13 -19.27 -9.11 35.27
CA TRP B 13 -18.95 -7.92 34.48
C TRP B 13 -19.97 -7.71 33.36
N ASN B 14 -20.38 -8.79 32.69
CA ASN B 14 -21.35 -8.66 31.61
C ASN B 14 -22.68 -8.13 32.12
N SER B 15 -23.12 -8.61 33.28
CA SER B 15 -24.34 -8.08 33.88
C SER B 15 -24.21 -6.60 34.21
N LYS B 16 -23.01 -6.15 34.58
CA LYS B 16 -22.80 -4.73 34.84
C LYS B 16 -22.85 -3.92 33.55
N GLN B 17 -22.27 -4.45 32.47
CA GLN B 17 -22.30 -3.73 31.20
C GLN B 17 -23.70 -3.72 30.59
N GLU B 18 -24.49 -4.78 30.84
CA GLU B 18 -25.86 -4.79 30.36
C GLU B 18 -26.72 -3.84 31.17
N GLU B 19 -26.45 -3.76 32.48
CA GLU B 19 -27.15 -2.81 33.34
C GLU B 19 -26.93 -1.37 32.88
N LEU B 20 -25.71 -1.05 32.46
CA LEU B 20 -25.35 0.29 32.02
C LEU B 20 -25.58 0.53 30.52
N ARG B 21 -25.84 -0.52 29.74
CA ARG B 21 -25.93 -0.38 28.29
C ARG B 21 -26.97 0.66 27.87
N ASP B 22 -28.20 0.51 28.33
CA ASP B 22 -29.29 1.38 27.89
C ASP B 22 -29.24 2.78 28.49
N LYS B 23 -28.25 3.11 29.32
CA LYS B 23 -28.18 4.42 29.94
C LYS B 23 -27.24 5.38 29.22
N ILE B 24 -26.59 4.93 28.16
CA ILE B 24 -25.66 5.80 27.42
C ILE B 24 -26.44 6.68 26.47
N ILE B 25 -26.22 7.99 26.57
CA ILE B 25 -26.85 8.97 25.70
C ILE B 25 -25.88 9.28 24.56
N ARG B 26 -26.25 8.90 23.35
CA ARG B 26 -25.45 9.15 22.16
C ARG B 26 -25.98 10.30 21.33
N SER B 27 -26.69 11.24 21.96
CA SER B 27 -27.23 12.42 21.31
C SER B 27 -26.67 13.66 21.99
N ASP B 28 -26.53 14.73 21.21
CA ASP B 28 -25.96 15.97 21.75
C ASP B 28 -26.90 16.62 22.75
N GLY B 29 -28.19 16.71 22.43
CA GLY B 29 -29.11 17.41 23.29
C GLY B 29 -28.81 18.88 23.30
N ASP B 30 -28.77 19.48 24.50
CA ASP B 30 -28.44 20.89 24.66
C ASP B 30 -26.91 21.05 24.73
N PHE B 31 -26.27 20.71 23.61
CA PHE B 31 -24.81 20.79 23.51
C PHE B 31 -24.42 20.97 22.05
N SER B 32 -23.36 21.73 21.83
CA SER B 32 -22.85 21.98 20.49
C SER B 32 -21.35 22.21 20.57
N LEU B 33 -20.72 22.26 19.39
CA LEU B 33 -19.28 22.52 19.33
C LEU B 33 -18.93 23.87 19.92
N SER B 34 -19.82 24.86 19.77
CA SER B 34 -19.57 26.18 20.33
C SER B 34 -19.48 26.15 21.85
N LYS B 35 -20.10 25.16 22.49
CA LYS B 35 -20.07 25.07 23.94
C LYS B 35 -18.71 24.65 24.47
N VAL B 36 -17.90 24.01 23.63
CA VAL B 36 -16.61 23.47 24.07
C VAL B 36 -15.61 24.59 24.32
N LYS B 37 -15.41 24.94 25.59
CA LYS B 37 -14.35 25.86 25.99
C LYS B 37 -13.10 25.14 26.48
N TYR B 38 -13.27 23.99 27.14
CA TYR B 38 -12.17 23.18 27.62
C TYR B 38 -12.44 21.72 27.24
N VAL B 39 -11.37 20.99 26.92
CA VAL B 39 -11.45 19.57 26.62
C VAL B 39 -10.44 18.84 27.49
N GLY B 40 -10.87 17.73 28.09
CA GLY B 40 -10.07 16.98 29.04
C GLY B 40 -9.54 15.69 28.46
N GLY B 41 -8.40 15.24 28.99
CA GLY B 41 -7.84 13.96 28.61
C GLY B 41 -7.47 13.14 29.82
N PHE B 42 -7.42 11.83 29.63
CA PHE B 42 -7.15 10.90 30.72
C PHE B 42 -6.49 9.64 30.19
N ASP B 43 -5.42 9.20 30.87
CA ASP B 43 -4.72 7.97 30.50
C ASP B 43 -4.11 7.35 31.75
N VAL B 44 -3.87 6.04 31.67
CA VAL B 44 -3.21 5.28 32.74
C VAL B 44 -1.99 4.59 32.15
N SER B 45 -0.85 4.72 32.84
CA SER B 45 0.38 4.04 32.46
C SER B 45 0.69 2.95 33.49
N TYR B 46 1.05 1.77 32.99
CA TYR B 46 1.24 0.58 33.82
C TYR B 46 2.70 0.16 33.84
N SER B 47 3.08 -0.55 34.90
CA SER B 47 4.45 -1.00 35.10
C SER B 47 4.57 -2.51 34.82
N LYS B 48 5.57 -2.87 34.00
CA LYS B 48 5.86 -4.28 33.78
C LYS B 48 6.57 -4.91 34.98
N ILE B 49 7.39 -4.13 35.70
CA ILE B 49 8.12 -4.69 36.83
C ILE B 49 7.24 -4.88 38.05
N ASN B 50 6.15 -4.12 38.17
CA ASN B 50 5.24 -4.22 39.30
C ASN B 50 3.84 -4.52 38.78
N HIS B 51 3.33 -5.70 39.12
CA HIS B 51 2.09 -6.20 38.52
C HIS B 51 0.87 -5.39 38.95
N GLU B 52 0.96 -4.64 40.05
CA GLU B 52 -0.19 -3.94 40.61
C GLU B 52 0.00 -2.43 40.67
N LEU B 53 1.07 -1.91 40.08
CA LEU B 53 1.38 -0.49 40.13
C LEU B 53 1.02 0.21 38.82
N ALA B 54 0.38 1.37 38.92
CA ALA B 54 0.06 2.19 37.76
C ALA B 54 0.01 3.65 38.18
N VAL B 55 -0.07 4.52 37.18
CA VAL B 55 -0.14 5.97 37.41
C VAL B 55 -1.21 6.54 36.48
N SER B 56 -2.22 7.18 37.06
CA SER B 56 -3.27 7.84 36.31
C SER B 56 -2.94 9.31 36.12
N CYS B 57 -3.38 9.87 35.00
CA CYS B 57 -3.14 11.27 34.69
C CYS B 57 -4.37 11.87 34.02
N MET B 58 -4.79 13.04 34.49
CA MET B 58 -5.90 13.77 33.90
C MET B 58 -5.42 15.18 33.57
N VAL B 59 -5.70 15.62 32.33
CA VAL B 59 -5.29 16.94 31.86
C VAL B 59 -6.50 17.65 31.28
N VAL B 60 -6.41 18.98 31.26
CA VAL B 60 -7.43 19.83 30.65
C VAL B 60 -6.73 20.78 29.70
N LEU B 61 -7.24 20.87 28.47
CA LEU B 61 -6.67 21.74 27.45
C LEU B 61 -7.74 22.69 26.93
N SER B 62 -7.32 23.89 26.57
CA SER B 62 -8.23 24.93 26.08
C SER B 62 -8.60 24.66 24.62
N TYR B 63 -9.90 24.73 24.33
CA TYR B 63 -10.38 24.52 22.97
C TYR B 63 -10.69 25.86 22.32
N PRO B 64 -10.25 26.07 21.07
CA PRO B 64 -9.48 25.12 20.26
C PRO B 64 -7.97 25.36 20.26
N GLU B 65 -7.48 26.26 21.12
CA GLU B 65 -6.05 26.57 21.13
C GLU B 65 -5.21 25.38 21.57
N MET B 66 -5.81 24.41 22.25
CA MET B 66 -5.17 23.16 22.64
C MET B 66 -3.95 23.40 23.54
N LYS B 67 -3.98 24.43 24.37
CA LYS B 67 -2.92 24.69 25.34
C LYS B 67 -3.30 24.11 26.70
N GLN B 68 -2.35 23.44 27.33
CA GLN B 68 -2.62 22.75 28.58
C GLN B 68 -2.83 23.74 29.72
N VAL B 69 -3.95 23.59 30.42
CA VAL B 69 -4.28 24.45 31.54
C VAL B 69 -4.37 23.70 32.87
N TYR B 70 -4.39 22.36 32.83
CA TYR B 70 -4.45 21.57 34.05
C TYR B 70 -3.76 20.24 33.79
N MET B 71 -3.08 19.73 34.82
CA MET B 71 -2.43 18.42 34.73
C MET B 71 -2.24 17.89 36.14
N ASN B 72 -2.62 16.65 36.36
CA ASN B 72 -2.41 15.97 37.63
C ASN B 72 -2.07 14.51 37.39
N THR B 73 -1.15 13.98 38.19
CA THR B 73 -0.75 12.59 38.12
C THR B 73 -0.83 11.98 39.51
N THR B 74 -1.40 10.78 39.59
CA THR B 74 -1.66 10.12 40.87
C THR B 74 -1.20 8.68 40.81
N LYS B 75 -0.53 8.23 41.86
CA LYS B 75 -0.15 6.83 41.97
C LYS B 75 -1.39 5.98 42.22
N VAL B 76 -1.47 4.86 41.52
CA VAL B 76 -2.66 4.01 41.52
C VAL B 76 -2.23 2.60 41.91
N LYS B 77 -3.07 1.93 42.69
CA LYS B 77 -2.85 0.54 43.07
C LYS B 77 -3.86 -0.31 42.31
N LEU B 78 -3.36 -1.26 41.54
CA LEU B 78 -4.20 -2.02 40.63
C LEU B 78 -4.78 -3.27 41.31
N SER B 79 -5.99 -3.64 40.88
CA SER B 79 -6.62 -4.85 41.36
C SER B 79 -7.31 -5.62 40.24
N CYS B 80 -7.15 -5.20 38.99
CA CYS B 80 -7.80 -5.83 37.85
C CYS B 80 -6.80 -6.05 36.73
N PRO B 81 -6.83 -7.21 36.08
CA PRO B 81 -6.01 -7.42 34.89
C PRO B 81 -6.73 -6.94 33.63
N TYR B 82 -5.97 -6.82 32.55
CA TYR B 82 -6.55 -6.39 31.29
C TYR B 82 -7.16 -7.56 30.55
N LYS B 83 -8.39 -7.39 30.09
CA LYS B 83 -9.03 -8.31 29.16
C LYS B 83 -9.85 -7.50 28.19
N SER B 84 -9.79 -7.89 26.91
CA SER B 84 -10.52 -7.17 25.87
C SER B 84 -12.01 -7.13 26.20
N SER B 85 -12.65 -6.01 25.88
CA SER B 85 -14.05 -5.71 26.14
C SER B 85 -14.34 -5.46 27.62
N TYR B 86 -13.31 -5.38 28.47
CA TYR B 86 -13.51 -5.10 29.89
C TYR B 86 -12.51 -4.08 30.41
N LEU B 87 -12.05 -3.17 29.53
CA LEU B 87 -11.08 -2.17 29.96
C LEU B 87 -11.67 -1.22 30.99
N ALA B 88 -13.00 -1.04 30.96
CA ALA B 88 -13.64 -0.06 31.83
C ALA B 88 -13.37 -0.37 33.30
N PHE B 89 -13.54 -1.64 33.69
CA PHE B 89 -13.35 -2.01 35.09
C PHE B 89 -11.92 -1.82 35.56
N ARG B 90 -10.97 -1.77 34.61
CA ARG B 90 -9.58 -1.54 34.98
C ARG B 90 -9.33 -0.07 35.33
N GLU B 91 -9.94 0.85 34.59
CA GLU B 91 -9.65 2.27 34.69
C GLU B 91 -10.82 3.10 35.23
N ILE B 92 -11.91 2.47 35.67
CA ILE B 92 -13.07 3.23 36.10
C ILE B 92 -12.78 4.01 37.38
N GLU B 93 -12.16 3.33 38.36
CA GLU B 93 -11.90 4.01 39.65
C GLU B 93 -10.84 5.08 39.53
N PRO B 94 -9.68 4.88 38.90
CA PRO B 94 -8.71 5.97 38.78
C PRO B 94 -9.25 7.18 38.03
N PHE B 95 -10.14 6.97 37.06
CA PHE B 95 -10.74 8.10 36.35
C PHE B 95 -11.63 8.92 37.27
N GLN B 96 -12.47 8.25 38.08
CA GLN B 96 -13.34 8.97 39.00
C GLN B 96 -12.52 9.66 40.08
N GLN B 97 -11.45 9.02 40.54
CA GLN B 97 -10.56 9.69 41.49
C GLN B 97 -9.93 10.94 40.89
N GLU B 98 -9.57 10.88 39.61
CA GLU B 98 -9.01 12.04 38.94
C GLU B 98 -10.07 13.12 38.72
N LEU B 99 -11.28 12.72 38.33
CA LEU B 99 -12.33 13.69 38.08
C LEU B 99 -12.70 14.46 39.34
N GLN B 100 -12.87 13.74 40.46
CA GLN B 100 -13.25 14.43 41.70
C GLN B 100 -12.13 15.31 42.22
N LEU B 101 -10.88 14.96 41.95
CA LEU B 101 -9.77 15.83 42.32
C LEU B 101 -9.78 17.10 41.48
N LEU B 102 -10.16 17.00 40.21
CA LEU B 102 -10.25 18.17 39.35
C LEU B 102 -11.38 19.09 39.81
N LYS B 103 -12.55 18.52 40.10
CA LYS B 103 -13.67 19.33 40.55
C LYS B 103 -13.39 20.01 41.88
N ALA B 104 -12.54 19.40 42.71
CA ALA B 104 -12.25 19.97 44.02
C ALA B 104 -11.16 21.03 43.94
N LYS B 105 -10.07 20.73 43.22
CA LYS B 105 -8.93 21.65 43.20
C LYS B 105 -9.17 22.80 42.23
N LYS B 106 -9.55 22.51 41.00
CA LYS B 106 -9.77 23.53 39.96
C LYS B 106 -11.14 23.28 39.34
N PRO B 107 -12.21 23.80 39.95
CA PRO B 107 -13.55 23.54 39.42
C PRO B 107 -13.91 24.36 38.20
N ASN B 108 -13.25 25.49 37.96
CA ASN B 108 -13.55 26.30 36.78
C ASN B 108 -13.00 25.67 35.50
N LEU B 109 -12.05 24.75 35.60
CA LEU B 109 -11.44 24.12 34.44
C LEU B 109 -12.04 22.78 34.11
N GLU B 110 -13.18 22.43 34.71
CA GLU B 110 -13.86 21.19 34.36
C GLU B 110 -14.29 21.24 32.90
N PRO B 111 -13.76 20.39 32.03
CA PRO B 111 -14.05 20.51 30.60
C PRO B 111 -15.44 20.00 30.24
N GLN B 112 -15.94 20.53 29.12
CA GLN B 112 -17.23 20.09 28.61
C GLN B 112 -17.21 18.63 28.16
N VAL B 113 -16.08 18.16 27.65
CA VAL B 113 -15.96 16.82 27.10
C VAL B 113 -14.59 16.25 27.42
N PHE B 114 -14.52 14.93 27.57
CA PHE B 114 -13.28 14.20 27.82
C PHE B 114 -12.96 13.28 26.65
N LEU B 115 -11.67 13.18 26.33
CA LEU B 115 -11.18 12.19 25.38
C LEU B 115 -10.58 11.03 26.18
N LEU B 116 -11.06 9.82 25.92
CA LEU B 116 -10.66 8.64 26.68
C LEU B 116 -10.03 7.61 25.75
N ASP B 117 -8.98 6.96 26.25
CA ASP B 117 -8.36 5.86 25.51
C ASP B 117 -9.32 4.70 25.37
N GLY B 118 -9.48 4.21 24.15
CA GLY B 118 -10.38 3.12 23.88
C GLY B 118 -11.66 3.58 23.22
N ASN B 119 -12.58 2.62 23.10
CA ASN B 119 -13.84 2.82 22.39
C ASN B 119 -14.96 3.14 23.37
N GLY B 120 -16.07 3.63 22.82
CA GLY B 120 -17.26 3.88 23.60
C GLY B 120 -18.44 3.03 23.14
N PHE B 121 -19.20 3.54 22.18
CA PHE B 121 -20.30 2.75 21.62
C PHE B 121 -19.79 1.58 20.81
N PHE B 122 -18.56 1.67 20.28
CA PHE B 122 -17.94 0.59 19.52
C PHE B 122 -17.53 -0.52 20.48
N HIS B 123 -18.52 -1.29 20.89
CA HIS B 123 -18.32 -2.32 21.91
C HIS B 123 -19.30 -3.45 21.66
N ILE B 124 -18.92 -4.65 22.12
CA ILE B 124 -19.76 -5.84 21.90
C ILE B 124 -21.12 -5.65 22.53
N ARG B 125 -21.16 -5.11 23.76
CA ARG B 125 -22.40 -4.80 24.45
C ARG B 125 -22.73 -3.32 24.41
N ARG B 126 -22.16 -2.58 23.45
CA ARG B 126 -22.42 -1.15 23.26
C ARG B 126 -22.12 -0.36 24.54
N CYS B 127 -21.09 -0.78 25.28
CA CYS B 127 -20.75 -0.15 26.55
C CYS B 127 -19.22 -0.22 26.73
N GLY B 128 -18.50 0.52 25.90
CA GLY B 128 -17.08 0.60 26.02
C GLY B 128 -16.66 1.40 27.24
N ALA B 129 -15.34 1.46 27.45
CA ALA B 129 -14.80 2.15 28.62
C ALA B 129 -15.16 3.63 28.61
N ALA B 130 -15.13 4.25 27.43
CA ALA B 130 -15.50 5.66 27.32
C ALA B 130 -16.96 5.86 27.72
N SER B 131 -17.86 5.00 27.21
CA SER B 131 -19.26 5.08 27.60
C SER B 131 -19.44 4.68 29.07
N HIS B 132 -18.78 3.60 29.49
CA HIS B 132 -18.91 3.14 30.87
C HIS B 132 -18.47 4.22 31.85
N LEU B 133 -17.28 4.79 31.63
CA LEU B 133 -16.79 5.85 32.50
C LEU B 133 -17.67 7.10 32.41
N GLY B 134 -18.24 7.37 31.24
CA GLY B 134 -19.06 8.57 31.08
C GLY B 134 -20.32 8.53 31.94
N VAL B 135 -21.08 7.45 31.85
CA VAL B 135 -22.34 7.37 32.58
C VAL B 135 -22.10 7.29 34.08
N LEU B 136 -21.12 6.50 34.51
CA LEU B 136 -20.84 6.33 35.93
C LEU B 136 -20.19 7.56 36.56
N SER B 137 -19.93 8.60 35.78
CA SER B 137 -19.41 9.86 36.30
C SER B 137 -20.25 11.05 35.88
N ASN B 138 -21.24 10.84 35.02
CA ASN B 138 -22.07 11.91 34.48
C ASN B 138 -21.23 12.99 33.81
N THR B 139 -20.44 12.55 32.83
CA THR B 139 -19.58 13.46 32.08
C THR B 139 -19.66 13.10 30.61
N ARG B 140 -19.37 14.07 29.77
CA ARG B 140 -19.39 13.89 28.32
C ARG B 140 -18.05 13.32 27.89
N THR B 141 -18.08 12.15 27.26
CA THR B 141 -16.87 11.43 26.89
C THR B 141 -16.91 11.06 25.41
N ILE B 142 -15.73 10.86 24.85
CA ILE B 142 -15.55 10.44 23.47
C ILE B 142 -14.58 9.27 23.45
N GLY B 143 -14.96 8.20 22.75
CA GLY B 143 -14.07 7.06 22.62
C GLY B 143 -13.11 7.21 21.46
N VAL B 144 -11.81 7.15 21.74
CA VAL B 144 -10.77 7.28 20.73
C VAL B 144 -9.81 6.12 20.92
N ALA B 145 -9.79 5.20 19.96
CA ALA B 145 -8.95 4.01 20.00
C ALA B 145 -7.83 4.13 18.97
N LYS B 146 -6.61 3.75 19.38
CA LYS B 146 -5.48 3.76 18.48
C LYS B 146 -5.40 2.52 17.60
N SER B 147 -6.09 1.44 17.98
CA SER B 147 -6.15 0.23 17.19
C SER B 147 -7.59 -0.24 17.09
N LEU B 148 -7.84 -1.13 16.13
CA LEU B 148 -9.19 -1.54 15.78
C LEU B 148 -9.60 -2.77 16.58
N ILE B 149 -10.67 -2.63 17.37
CA ILE B 149 -11.29 -3.79 17.99
C ILE B 149 -12.06 -4.59 16.94
N GLU B 150 -12.01 -5.91 17.05
CA GLU B 150 -12.74 -6.78 16.15
C GLU B 150 -13.93 -7.39 16.89
N ILE B 151 -15.11 -7.25 16.30
CA ILE B 151 -16.34 -7.79 16.89
C ILE B 151 -16.96 -8.74 15.88
N PRO B 152 -16.64 -10.03 15.92
CA PRO B 152 -17.24 -10.97 14.96
C PRO B 152 -18.75 -11.09 15.08
N GLU B 153 -19.30 -10.84 16.28
CA GLU B 153 -20.74 -10.90 16.44
C GLU B 153 -21.47 -9.81 15.66
N ASP B 154 -20.76 -8.75 15.28
CA ASP B 154 -21.34 -7.67 14.49
C ASP B 154 -20.77 -7.62 13.07
N GLY B 155 -19.98 -8.61 12.67
CA GLY B 155 -19.43 -8.64 11.33
C GLY B 155 -18.33 -7.62 11.09
N VAL B 156 -17.55 -7.30 12.11
CA VAL B 156 -16.45 -6.35 12.00
C VAL B 156 -15.15 -7.15 12.01
N LYS B 157 -14.53 -7.28 10.84
CA LYS B 157 -13.23 -7.90 10.69
C LYS B 157 -12.19 -6.83 10.43
N LYS B 158 -10.99 -7.00 11.00
CA LYS B 158 -9.96 -5.97 10.90
C LYS B 158 -9.50 -5.76 9.47
N THR B 159 -9.29 -6.86 8.72
CA THR B 159 -8.76 -6.73 7.37
C THR B 159 -9.74 -6.01 6.45
N GLU B 160 -11.04 -6.25 6.63
CA GLU B 160 -12.03 -5.62 5.77
C GLU B 160 -12.14 -4.12 6.04
N VAL B 161 -11.93 -3.69 7.28
CA VAL B 161 -12.05 -2.27 7.59
C VAL B 161 -10.82 -1.51 7.12
N ILE B 162 -9.63 -2.08 7.30
CA ILE B 162 -8.41 -1.41 6.86
C ILE B 162 -8.37 -1.28 5.35
N SER B 163 -8.75 -2.35 4.63
CA SER B 163 -8.80 -2.29 3.18
C SER B 163 -9.85 -1.30 2.70
N GLN B 164 -11.03 -1.32 3.33
CA GLN B 164 -12.08 -0.38 2.95
C GLN B 164 -11.66 1.06 3.22
N PHE B 165 -10.77 1.28 4.19
CA PHE B 165 -10.33 2.63 4.49
C PHE B 165 -9.25 3.10 3.52
N LYS B 166 -8.27 2.24 3.21
CA LYS B 166 -7.26 2.59 2.21
C LYS B 166 -7.91 2.83 0.85
N ARG B 167 -8.88 1.98 0.49
CA ARG B 167 -9.67 2.21 -0.71
C ARG B 167 -10.34 3.58 -0.67
N LEU B 168 -10.93 3.93 0.47
CA LEU B 168 -11.51 5.26 0.64
C LEU B 168 -10.44 6.35 0.61
N ARG B 169 -9.25 6.07 1.16
CA ARG B 169 -8.17 7.06 1.19
C ARG B 169 -7.71 7.43 -0.20
N LYS B 170 -7.66 6.46 -1.12
CA LYS B 170 -7.23 6.76 -2.49
C LYS B 170 -8.22 7.66 -3.22
N THR B 171 -9.51 7.56 -2.88
CA THR B 171 -10.50 8.48 -3.44
C THR B 171 -10.33 9.90 -2.91
N GLY B 172 -9.64 10.06 -1.78
CA GLY B 172 -9.45 11.36 -1.17
C GLY B 172 -10.23 11.61 0.10
N GLY B 173 -10.95 10.60 0.61
CA GLY B 173 -11.71 10.79 1.82
C GLY B 173 -10.88 10.64 3.07
N ASN B 174 -11.52 10.89 4.22
CA ASN B 174 -10.84 10.77 5.50
C ASN B 174 -11.71 10.16 6.60
N GLU B 175 -13.01 10.02 6.41
CA GLU B 175 -13.90 9.42 7.40
C GLU B 175 -14.63 8.24 6.78
N LEU B 176 -14.70 7.14 7.54
CA LEU B 176 -15.36 5.92 7.10
C LEU B 176 -16.25 5.41 8.22
N ASP B 177 -17.55 5.31 7.94
CA ASP B 177 -18.48 4.76 8.90
C ASP B 177 -18.23 3.25 9.06
N ILE B 178 -18.09 2.81 10.30
CA ILE B 178 -17.95 1.40 10.63
C ILE B 178 -19.31 0.88 11.04
N ILE B 179 -19.92 0.06 10.19
CA ILE B 179 -21.30 -0.39 10.36
C ILE B 179 -21.31 -1.85 10.80
N SER B 180 -22.15 -2.15 11.79
CA SER B 180 -22.45 -3.54 12.09
C SER B 180 -23.32 -4.10 10.96
N THR B 181 -22.82 -5.11 10.26
CA THR B 181 -23.54 -5.66 9.12
C THR B 181 -24.88 -6.27 9.50
N GLU B 182 -25.10 -6.57 10.79
CA GLU B 182 -26.34 -7.19 11.22
C GLU B 182 -27.36 -6.15 11.69
N LYS B 183 -27.03 -5.41 12.75
CA LYS B 183 -27.97 -4.43 13.30
C LYS B 183 -28.13 -3.21 12.41
N ASN B 184 -27.21 -3.00 11.47
CA ASN B 184 -27.21 -1.84 10.58
C ASN B 184 -27.18 -0.52 11.37
N GLU B 185 -26.35 -0.48 12.41
CA GLU B 185 -26.13 0.72 13.18
C GLU B 185 -24.66 1.12 13.07
N VAL B 186 -24.41 2.41 12.87
CA VAL B 186 -23.04 2.91 12.81
C VAL B 186 -22.43 2.83 14.21
N LEU B 187 -21.30 2.13 14.32
CA LEU B 187 -20.63 1.95 15.60
C LEU B 187 -19.51 2.96 15.84
N ALA B 188 -18.74 3.29 14.81
CA ALA B 188 -17.64 4.22 14.95
C ALA B 188 -17.27 4.78 13.58
N LYS B 189 -16.44 5.83 13.60
CA LYS B 189 -15.88 6.42 12.39
C LYS B 189 -14.37 6.25 12.41
N ALA B 190 -13.83 5.66 11.35
CA ALA B 190 -12.38 5.62 11.14
C ALA B 190 -11.96 6.94 10.49
N VAL B 191 -11.21 7.76 11.22
CA VAL B 191 -10.92 9.12 10.80
C VAL B 191 -9.42 9.31 10.64
N LEU B 192 -9.06 10.35 9.87
CA LEU B 192 -7.66 10.67 9.60
C LEU B 192 -7.58 12.18 9.44
N TYR B 193 -7.24 12.89 10.52
CA TYR B 193 -7.21 14.34 10.54
C TYR B 193 -5.81 14.92 10.59
N ALA B 194 -4.77 14.08 10.63
CA ALA B 194 -3.42 14.59 10.79
C ALA B 194 -2.61 14.48 9.51
N PRO B 195 -1.75 15.46 9.23
CA PRO B 195 -0.87 15.35 8.06
C PRO B 195 0.22 14.33 8.28
N LYS B 196 0.78 13.85 7.15
CA LYS B 196 1.83 12.82 7.16
C LYS B 196 1.35 11.53 7.80
N VAL B 197 0.04 11.30 7.81
CA VAL B 197 -0.55 10.16 8.51
C VAL B 197 -1.43 9.38 7.55
N GLU B 198 -1.34 8.05 7.61
CA GLU B 198 -2.20 7.16 6.86
C GLU B 198 -2.88 6.11 7.72
N LYS B 199 -2.40 5.84 8.93
CA LYS B 199 -3.04 4.88 9.82
C LYS B 199 -4.18 5.55 10.55
N PRO B 200 -5.39 5.03 10.47
CA PRO B 200 -6.55 5.72 11.05
C PRO B 200 -6.73 5.43 12.53
N ILE B 201 -7.36 6.38 13.21
CA ILE B 201 -7.84 6.18 14.58
C ILE B 201 -9.34 6.01 14.52
N PHE B 202 -9.91 5.45 15.58
CA PHE B 202 -11.30 5.01 15.58
C PHE B 202 -12.07 5.75 16.67
N VAL B 203 -12.89 6.71 16.24
CA VAL B 203 -13.69 7.52 17.16
C VAL B 203 -15.07 6.91 17.30
N SER B 204 -15.53 6.76 18.55
CA SER B 204 -16.85 6.24 18.83
C SER B 204 -17.49 7.09 19.92
N ALA B 205 -18.82 7.11 19.93
CA ALA B 205 -19.55 7.92 20.90
C ALA B 205 -19.35 7.37 22.31
N GLY B 206 -19.13 8.27 23.26
CA GLY B 206 -18.95 7.89 24.64
C GLY B 206 -20.21 8.10 25.45
N HIS B 207 -20.49 9.35 25.82
CA HIS B 207 -21.66 9.66 26.62
C HIS B 207 -22.05 11.12 26.40
N LYS B 208 -23.35 11.38 26.28
CA LYS B 208 -23.89 12.72 26.14
C LYS B 208 -23.32 13.44 24.92
N CYS B 209 -23.06 12.69 23.85
CA CYS B 209 -22.47 13.25 22.65
C CYS B 209 -22.72 12.31 21.48
N SER B 210 -23.00 12.89 20.32
CA SER B 210 -23.26 12.09 19.12
C SER B 210 -21.95 11.72 18.43
N LEU B 211 -22.05 10.75 17.51
CA LEU B 211 -20.87 10.30 16.80
C LEU B 211 -20.31 11.40 15.91
N GLU B 212 -21.18 12.11 15.19
CA GLU B 212 -20.71 13.14 14.28
C GLU B 212 -20.11 14.32 15.04
N THR B 213 -20.71 14.71 16.16
CA THR B 213 -20.16 15.79 16.96
C THR B 213 -18.84 15.38 17.61
N ALA B 214 -18.77 14.13 18.09
CA ALA B 214 -17.52 13.63 18.68
C ALA B 214 -16.39 13.64 17.65
N ALA B 215 -16.69 13.27 16.41
CA ALA B 215 -15.67 13.29 15.36
C ALA B 215 -15.15 14.70 15.10
N LYS B 216 -16.05 15.68 15.10
CA LYS B 216 -15.62 17.07 14.93
C LYS B 216 -14.73 17.52 16.08
N ILE B 217 -15.08 17.14 17.31
CA ILE B 217 -14.27 17.53 18.47
C ILE B 217 -12.88 16.92 18.37
N VAL B 218 -12.80 15.65 17.96
CA VAL B 218 -11.50 15.01 17.79
C VAL B 218 -10.70 15.72 16.70
N LYS B 219 -11.37 16.15 15.63
CA LYS B 219 -10.70 16.88 14.57
C LYS B 219 -10.13 18.21 15.08
N GLY B 220 -10.89 18.91 15.94
CA GLY B 220 -10.38 20.13 16.53
C GLY B 220 -9.21 19.91 17.46
N CYS B 221 -9.19 18.77 18.16
CA CYS B 221 -8.10 18.42 19.06
C CYS B 221 -6.92 17.78 18.34
N THR B 222 -7.02 17.56 17.04
CA THR B 222 -6.01 16.82 16.29
C THR B 222 -4.90 17.75 15.83
N LYS B 223 -3.67 17.46 16.25
CA LYS B 223 -2.45 18.04 15.67
C LYS B 223 -1.66 16.99 14.92
N THR B 224 -1.14 15.99 15.62
CA THR B 224 -0.59 14.78 15.01
C THR B 224 -1.65 13.69 15.07
N ARG B 225 -1.25 12.44 14.86
CA ARG B 225 -2.23 11.34 14.84
C ARG B 225 -2.97 11.24 16.17
N ILE B 226 -2.25 11.39 17.28
CA ILE B 226 -2.86 11.32 18.60
C ILE B 226 -3.39 12.70 18.96
N PRO B 227 -4.66 12.83 19.34
CA PRO B 227 -5.17 14.14 19.77
C PRO B 227 -4.41 14.63 20.99
N GLU B 228 -4.28 15.95 21.10
CA GLU B 228 -3.46 16.54 22.14
C GLU B 228 -3.85 16.11 23.55
N PRO B 229 -5.13 16.07 23.95
CA PRO B 229 -5.44 15.62 25.32
C PRO B 229 -4.93 14.22 25.62
N ILE B 230 -5.09 13.27 24.69
CA ILE B 230 -4.57 11.93 24.91
C ILE B 230 -3.05 11.92 24.91
N LYS B 231 -2.44 12.70 24.02
CA LYS B 231 -0.98 12.77 23.97
C LYS B 231 -0.41 13.27 25.29
N MET B 232 -1.00 14.33 25.85
CA MET B 232 -0.48 14.90 27.09
C MET B 232 -0.69 13.95 28.26
N ALA B 233 -1.90 13.40 28.39
CA ALA B 233 -2.17 12.46 29.47
C ALA B 233 -1.25 11.25 29.43
N ASP B 234 -1.06 10.69 28.23
CA ASP B 234 -0.10 9.59 28.07
C ASP B 234 1.31 10.01 28.48
N LYS B 235 1.72 11.22 28.08
CA LYS B 235 3.08 11.66 28.34
C LYS B 235 3.36 11.77 29.83
N TRP B 236 2.52 12.51 30.55
CA TRP B 236 2.79 12.77 31.97
C TRP B 236 2.59 11.52 32.82
N SER B 237 1.63 10.67 32.47
CA SER B 237 1.41 9.45 33.23
C SER B 237 2.61 8.52 33.15
N ARG B 238 3.15 8.32 31.94
CA ARG B 238 4.31 7.45 31.79
C ARG B 238 5.56 8.06 32.43
N LYS B 239 5.73 9.37 32.30
CA LYS B 239 6.90 10.02 32.88
C LYS B 239 6.91 9.88 34.40
N GLU B 240 5.77 10.14 35.03
CA GLU B 240 5.68 9.99 36.49
C GLU B 240 5.81 8.53 36.90
N LEU B 241 5.28 7.61 36.08
CA LEU B 241 5.40 6.20 36.38
C LEU B 241 6.86 5.75 36.40
N LYS B 242 7.66 6.23 35.43
CA LYS B 242 9.05 5.84 35.37
C LYS B 242 9.87 6.39 36.55
N LYS B 243 9.31 7.30 37.34
CA LYS B 243 9.97 7.71 38.58
C LYS B 243 9.73 6.69 39.68
N ILE B 244 8.57 6.02 39.63
CA ILE B 244 8.21 4.94 40.54
C ILE B 244 8.26 3.62 39.77
N GLU B 245 9.37 3.39 39.07
CA GLU B 245 9.63 2.14 38.33
C GLU B 245 8.71 2.01 37.12
N THR C 6 12.66 19.16 -22.64
CA THR C 6 13.79 20.04 -22.95
C THR C 6 14.70 19.40 -23.99
N ASP C 7 15.32 20.24 -24.83
CA ASP C 7 16.23 19.74 -25.85
C ASP C 7 17.59 19.37 -25.29
N GLU C 8 17.96 19.91 -24.13
CA GLU C 8 19.17 19.46 -23.46
C GLU C 8 19.09 17.99 -23.09
N GLN C 9 17.89 17.50 -22.76
CA GLN C 9 17.75 16.13 -22.30
C GLN C 9 17.94 15.15 -23.45
N ILE C 10 17.41 15.48 -24.63
CA ILE C 10 17.59 14.62 -25.80
C ILE C 10 19.03 14.68 -26.29
N ALA C 11 19.71 15.81 -26.12
CA ALA C 11 21.09 15.92 -26.57
C ALA C 11 22.01 14.99 -25.77
N GLU C 12 21.78 14.88 -24.47
CA GLU C 12 22.55 13.91 -23.68
C GLU C 12 22.08 12.48 -23.94
N TRP C 13 20.80 12.29 -24.28
CA TRP C 13 20.31 10.94 -24.53
C TRP C 13 20.89 10.36 -25.82
N ASN C 14 21.00 11.18 -26.87
CA ASN C 14 21.59 10.69 -28.11
C ASN C 14 23.06 10.30 -27.90
N SER C 15 23.80 11.10 -27.13
CA SER C 15 25.16 10.73 -26.78
C SER C 15 25.18 9.46 -25.94
N LYS C 16 24.14 9.24 -25.12
CA LYS C 16 24.05 8.00 -24.36
C LYS C 16 23.78 6.83 -25.29
N GLN C 17 23.00 7.05 -26.35
CA GLN C 17 22.73 5.98 -27.30
C GLN C 17 23.97 5.61 -28.11
N GLU C 18 24.86 6.58 -28.36
CA GLU C 18 26.08 6.30 -29.12
C GLU C 18 27.14 5.58 -28.27
N GLU C 19 27.29 5.95 -27.00
CA GLU C 19 28.27 5.26 -26.16
C GLU C 19 27.91 3.78 -25.98
N LEU C 20 26.62 3.47 -25.84
CA LEU C 20 26.20 2.09 -25.68
C LEU C 20 26.02 1.37 -27.01
N ARG C 21 25.98 2.12 -28.13
CA ARG C 21 25.84 1.51 -29.44
C ARG C 21 26.96 0.50 -29.68
N ASP C 22 28.20 0.91 -29.41
CA ASP C 22 29.37 0.07 -29.64
C ASP C 22 29.48 -1.06 -28.63
N LYS C 23 28.70 -1.04 -27.55
CA LYS C 23 28.79 -2.05 -26.51
C LYS C 23 27.84 -3.22 -26.73
N ILE C 24 26.75 -3.03 -27.47
CA ILE C 24 25.77 -4.09 -27.66
C ILE C 24 26.40 -5.24 -28.42
N ILE C 25 26.29 -6.45 -27.85
CA ILE C 25 26.82 -7.65 -28.46
C ILE C 25 25.69 -8.33 -29.25
N ARG C 26 25.89 -8.47 -30.56
CA ARG C 26 24.90 -9.08 -31.43
C ARG C 26 25.28 -10.50 -31.85
N SER C 27 26.15 -11.15 -31.08
CA SER C 27 26.59 -12.51 -31.36
C SER C 27 26.26 -13.41 -30.17
N ASP C 28 25.99 -14.68 -30.48
CA ASP C 28 25.64 -15.64 -29.42
C ASP C 28 26.84 -15.95 -28.54
N GLY C 29 28.00 -16.20 -29.15
CA GLY C 29 29.15 -16.63 -28.38
C GLY C 29 28.93 -18.03 -27.83
N ASP C 30 29.19 -18.20 -26.54
CA ASP C 30 28.99 -19.48 -25.88
C ASP C 30 27.53 -19.80 -25.65
N PHE C 31 26.62 -18.89 -25.98
CA PHE C 31 25.20 -19.11 -25.80
C PHE C 31 24.60 -19.84 -26.99
N SER C 32 23.63 -20.70 -26.71
CA SER C 32 22.92 -21.45 -27.75
C SER C 32 21.51 -21.74 -27.27
N LEU C 33 20.67 -22.20 -28.21
CA LEU C 33 19.29 -22.54 -27.87
C LEU C 33 19.21 -23.67 -26.85
N SER C 34 20.13 -24.62 -26.92
CA SER C 34 20.13 -25.74 -25.96
C SER C 34 20.38 -25.25 -24.55
N LYS C 35 21.06 -24.11 -24.39
CA LYS C 35 21.35 -23.58 -23.06
C LYS C 35 20.11 -22.99 -22.39
N VAL C 36 19.08 -22.66 -23.16
CA VAL C 36 17.90 -21.99 -22.62
C VAL C 36 17.13 -22.95 -21.73
N LYS C 37 17.11 -22.68 -20.43
CA LYS C 37 16.29 -23.40 -19.47
C LYS C 37 15.18 -22.55 -18.87
N TYR C 38 15.41 -21.24 -18.73
CA TYR C 38 14.42 -20.30 -18.24
C TYR C 38 14.44 -19.05 -19.13
N VAL C 39 13.27 -18.47 -19.37
CA VAL C 39 13.14 -17.23 -20.11
C VAL C 39 12.33 -16.26 -19.27
N GLY C 40 12.81 -15.02 -19.16
CA GLY C 40 12.21 -14.02 -18.30
C GLY C 40 11.45 -12.97 -19.10
N GLY C 41 10.45 -12.38 -18.46
CA GLY C 41 9.70 -11.30 -19.05
C GLY C 41 9.58 -10.14 -18.09
N PHE C 42 9.38 -8.95 -18.65
CA PHE C 42 9.31 -7.73 -17.86
C PHE C 42 8.44 -6.71 -18.57
N ASP C 43 7.54 -6.08 -17.83
CA ASP C 43 6.68 -5.05 -18.39
C ASP C 43 6.35 -4.04 -17.29
N VAL C 44 6.00 -2.83 -17.71
CA VAL C 44 5.58 -1.76 -16.81
C VAL C 44 4.19 -1.28 -17.24
N SER C 45 3.28 -1.19 -16.29
CA SER C 45 1.95 -0.65 -16.52
C SER C 45 1.85 0.70 -15.83
N TYR C 46 1.29 1.69 -16.53
CA TYR C 46 1.26 3.06 -16.06
C TYR C 46 -0.18 3.47 -15.75
N SER C 47 -0.33 4.47 -14.90
CA SER C 47 -1.63 4.94 -14.46
C SER C 47 -2.01 6.21 -15.22
N LYS C 48 -3.21 6.21 -15.78
CA LYS C 48 -3.72 7.41 -16.44
C LYS C 48 -4.18 8.44 -15.43
N ILE C 49 -4.69 8.01 -14.28
CA ILE C 49 -5.17 8.94 -13.27
C ILE C 49 -4.02 9.55 -12.48
N ASN C 50 -2.89 8.86 -12.40
CA ASN C 50 -1.73 9.32 -11.63
C ASN C 50 -0.55 9.45 -12.58
N HIS C 51 -0.07 10.68 -12.78
CA HIS C 51 0.90 10.96 -13.83
C HIS C 51 2.27 10.33 -13.57
N GLU C 52 2.61 10.01 -12.32
CA GLU C 52 3.95 9.52 -12.01
C GLU C 52 3.94 8.14 -11.35
N LEU C 53 2.78 7.51 -11.25
CA LEU C 53 2.67 6.21 -10.59
C LEU C 53 2.56 5.10 -11.62
N ALA C 54 3.33 4.03 -11.41
CA ALA C 54 3.29 2.87 -12.28
C ALA C 54 3.63 1.63 -11.47
N VAL C 55 3.47 0.47 -12.11
CA VAL C 55 3.75 -0.82 -11.49
C VAL C 55 4.56 -1.65 -12.46
N SER C 56 5.75 -2.06 -12.03
CA SER C 56 6.61 -2.94 -12.81
C SER C 56 6.40 -4.39 -12.38
N CYS C 57 6.58 -5.30 -13.33
CA CYS C 57 6.43 -6.73 -13.08
C CYS C 57 7.49 -7.49 -13.85
N MET C 58 8.15 -8.43 -13.17
CA MET C 58 9.13 -9.31 -13.79
C MET C 58 8.73 -10.75 -13.51
N VAL C 59 8.72 -11.58 -14.56
CA VAL C 59 8.32 -12.97 -14.46
C VAL C 59 9.39 -13.84 -15.09
N VAL C 60 9.44 -15.09 -14.65
CA VAL C 60 10.34 -16.10 -15.20
C VAL C 60 9.52 -17.33 -15.57
N LEU C 61 9.70 -17.83 -16.77
CA LEU C 61 8.97 -18.99 -17.27
C LEU C 61 9.94 -20.08 -17.68
N SER C 62 9.51 -21.34 -17.50
CA SER C 62 10.33 -22.49 -17.84
C SER C 62 10.30 -22.73 -19.35
N TYR C 63 11.47 -22.92 -19.94
CA TYR C 63 11.58 -23.17 -21.38
C TYR C 63 11.80 -24.66 -21.64
N PRO C 64 11.09 -25.22 -22.63
CA PRO C 64 10.09 -24.55 -23.47
C PRO C 64 8.64 -24.75 -23.04
N GLU C 65 8.42 -25.34 -21.85
CA GLU C 65 7.06 -25.63 -21.40
C GLU C 65 6.24 -24.38 -21.13
N MET C 66 6.90 -23.23 -20.94
CA MET C 66 6.21 -21.95 -20.71
C MET C 66 5.34 -22.00 -19.46
N LYS C 67 5.87 -22.60 -18.40
CA LYS C 67 5.20 -22.63 -17.11
C LYS C 67 5.79 -21.53 -16.22
N GLN C 68 4.93 -20.65 -15.73
CA GLN C 68 5.38 -19.53 -14.91
C GLN C 68 5.90 -20.05 -13.57
N VAL C 69 7.14 -19.68 -13.24
CA VAL C 69 7.77 -20.11 -12.00
C VAL C 69 8.12 -18.95 -11.07
N TYR C 70 8.06 -17.70 -11.54
CA TYR C 70 8.37 -16.56 -10.70
C TYR C 70 7.58 -15.35 -11.15
N MET C 71 7.15 -14.54 -10.19
CA MET C 71 6.47 -13.28 -10.49
C MET C 71 6.56 -12.36 -9.28
N ASN C 72 6.97 -11.12 -9.53
CA ASN C 72 6.99 -10.10 -8.49
C ASN C 72 6.58 -8.77 -9.09
N THR C 73 5.83 -7.98 -8.33
CA THR C 73 5.37 -6.67 -8.77
C THR C 73 5.70 -5.63 -7.71
N THR C 74 6.17 -4.47 -8.17
CA THR C 74 6.62 -3.39 -7.29
C THR C 74 6.10 -2.06 -7.77
N LYS C 75 5.63 -1.24 -6.83
CA LYS C 75 5.19 0.12 -7.15
C LYS C 75 6.39 0.99 -7.51
N VAL C 76 6.23 1.80 -8.57
CA VAL C 76 7.34 2.53 -9.17
C VAL C 76 7.00 4.02 -9.26
N LYS C 77 8.02 4.85 -9.07
CA LYS C 77 7.95 6.30 -9.26
C LYS C 77 8.73 6.68 -10.50
N LEU C 78 8.07 7.35 -11.43
CA LEU C 78 8.67 7.72 -12.71
C LEU C 78 9.33 9.09 -12.63
N SER C 79 10.41 9.25 -13.40
CA SER C 79 11.07 10.53 -13.55
C SER C 79 11.24 10.95 -15.00
N CYS C 80 10.73 10.17 -15.96
CA CYS C 80 10.90 10.43 -17.37
C CYS C 80 9.58 10.17 -18.10
N PRO C 81 9.24 11.01 -19.07
CA PRO C 81 8.09 10.72 -19.93
C PRO C 81 8.52 9.87 -21.13
N TYR C 82 7.52 9.35 -21.84
CA TYR C 82 7.79 8.54 -23.02
C TYR C 82 8.05 9.42 -24.23
N LYS C 83 9.11 9.10 -24.97
CA LYS C 83 9.38 9.71 -26.26
C LYS C 83 9.89 8.63 -27.20
N SER C 84 9.39 8.65 -28.44
CA SER C 84 9.79 7.65 -29.41
C SER C 84 11.31 7.68 -29.61
N SER C 85 11.89 6.49 -29.76
CA SER C 85 13.33 6.27 -29.91
C SER C 85 14.10 6.53 -28.61
N TYR C 86 13.39 6.76 -27.50
CA TYR C 86 14.01 6.98 -26.21
C TYR C 86 13.29 6.20 -25.10
N LEU C 87 12.69 5.06 -25.46
CA LEU C 87 11.93 4.26 -24.50
C LEU C 87 12.81 3.71 -23.38
N ALA C 88 14.10 3.51 -23.64
CA ALA C 88 14.97 2.87 -22.68
C ALA C 88 15.00 3.62 -21.35
N PHE C 89 15.13 4.95 -21.41
CA PHE C 89 15.29 5.75 -20.19
C PHE C 89 14.06 5.69 -19.28
N ARG C 90 12.89 5.34 -19.82
CA ARG C 90 11.69 5.25 -18.99
C ARG C 90 11.68 4.02 -18.10
N GLU C 91 12.13 2.88 -18.63
CA GLU C 91 11.96 1.59 -17.96
C GLU C 91 13.28 1.00 -17.48
N ILE C 92 14.38 1.75 -17.56
CA ILE C 92 15.67 1.20 -17.16
C ILE C 92 15.71 0.94 -15.65
N GLU C 93 15.21 1.90 -14.85
CA GLU C 93 15.25 1.71 -13.39
C GLU C 93 14.32 0.61 -12.91
N PRO C 94 13.05 0.54 -13.34
CA PRO C 94 12.21 -0.59 -12.88
C PRO C 94 12.76 -1.93 -13.29
N PHE C 95 13.42 -2.01 -14.46
CA PHE C 95 14.03 -3.26 -14.88
C PHE C 95 15.20 -3.63 -13.97
N GLN C 96 16.05 -2.66 -13.63
CA GLN C 96 17.18 -2.93 -12.74
C GLN C 96 16.69 -3.27 -11.34
N GLN C 97 15.62 -2.61 -10.89
CA GLN C 97 15.07 -2.90 -9.57
C GLN C 97 14.49 -4.31 -9.52
N GLU C 98 13.70 -4.68 -10.52
CA GLU C 98 13.11 -6.01 -10.56
C GLU C 98 14.19 -7.09 -10.71
N LEU C 99 15.21 -6.83 -11.53
CA LEU C 99 16.26 -7.82 -11.73
C LEU C 99 17.02 -8.11 -10.44
N GLN C 100 17.24 -7.09 -9.61
CA GLN C 100 17.98 -7.31 -8.37
C GLN C 100 17.13 -8.07 -7.35
N LEU C 101 15.83 -7.80 -7.30
CA LEU C 101 14.96 -8.55 -6.39
C LEU C 101 14.90 -10.02 -6.78
N LEU C 102 14.94 -10.30 -8.08
CA LEU C 102 14.94 -11.69 -8.52
C LEU C 102 16.23 -12.40 -8.13
N LYS C 103 17.38 -11.75 -8.35
CA LYS C 103 18.64 -12.36 -7.98
C LYS C 103 18.78 -12.54 -6.48
N ALA C 104 18.11 -11.70 -5.69
CA ALA C 104 18.19 -11.78 -4.24
C ALA C 104 17.18 -12.78 -3.67
N LYS C 105 15.93 -12.69 -4.09
CA LYS C 105 14.89 -13.56 -3.54
C LYS C 105 15.08 -15.00 -4.00
N LYS C 106 15.13 -15.21 -5.32
CA LYS C 106 15.26 -16.54 -5.91
C LYS C 106 16.38 -16.50 -6.94
N PRO C 107 17.62 -16.73 -6.53
CA PRO C 107 18.74 -16.63 -7.47
C PRO C 107 18.86 -17.82 -8.42
N ASN C 108 18.23 -18.95 -8.10
CA ASN C 108 18.28 -20.10 -9.00
C ASN C 108 17.43 -19.91 -10.24
N LEU C 109 16.50 -18.97 -10.23
CA LEU C 109 15.56 -18.77 -11.33
C LEU C 109 15.98 -17.67 -12.29
N GLU C 110 17.22 -17.18 -12.21
CA GLU C 110 17.67 -16.19 -13.17
C GLU C 110 17.67 -16.79 -14.57
N PRO C 111 16.86 -16.27 -15.50
CA PRO C 111 16.74 -16.91 -16.81
C PRO C 111 17.95 -16.63 -17.70
N GLN C 112 18.14 -17.54 -18.65
CA GLN C 112 19.24 -17.37 -19.61
C GLN C 112 19.02 -16.16 -20.50
N VAL C 113 17.76 -15.84 -20.81
CA VAL C 113 17.44 -14.75 -21.73
C VAL C 113 16.18 -14.05 -21.23
N PHE C 114 16.08 -12.76 -21.55
CA PHE C 114 14.92 -11.94 -21.20
C PHE C 114 14.21 -11.47 -22.46
N LEU C 115 12.88 -11.47 -22.41
CA LEU C 115 12.06 -10.85 -23.44
C LEU C 115 11.58 -9.50 -22.95
N LEU C 116 11.88 -8.45 -23.72
CA LEU C 116 11.58 -7.08 -23.32
C LEU C 116 10.64 -6.45 -24.34
N ASP C 117 9.69 -5.66 -23.86
CA ASP C 117 8.80 -4.92 -24.74
C ASP C 117 9.57 -3.88 -25.53
N GLY C 118 9.37 -3.88 -26.85
CA GLY C 118 10.06 -2.95 -27.72
C GLY C 118 11.17 -3.62 -28.51
N ASN C 119 11.91 -2.78 -29.23
CA ASN C 119 12.97 -3.23 -30.13
C ASN C 119 14.34 -3.13 -29.48
N GLY C 120 15.30 -3.80 -30.10
CA GLY C 120 16.69 -3.73 -29.69
C GLY C 120 17.58 -3.14 -30.76
N PHE C 121 18.08 -3.99 -31.66
CA PHE C 121 18.88 -3.49 -32.78
C PHE C 121 18.03 -2.68 -33.76
N PHE C 122 16.72 -2.95 -33.81
CA PHE C 122 15.80 -2.21 -34.67
C PHE C 122 15.58 -0.82 -34.09
N HIS C 123 16.57 0.04 -34.29
CA HIS C 123 16.56 1.37 -33.69
C HIS C 123 17.32 2.36 -34.56
N ARG C 125 19.38 4.55 -33.99
CA ARG C 125 20.77 4.66 -33.53
C ARG C 125 21.32 3.31 -33.11
N ARG C 126 20.67 2.25 -33.59
CA ARG C 126 21.08 0.85 -33.34
C ARG C 126 21.21 0.56 -31.84
N CYS C 127 20.38 1.19 -31.02
CA CYS C 127 20.46 1.01 -29.57
C CYS C 127 19.06 1.15 -28.96
N GLY C 128 18.21 0.17 -29.22
CA GLY C 128 16.88 0.16 -28.65
C GLY C 128 16.89 -0.13 -27.16
N ALA C 129 15.68 -0.08 -26.59
CA ALA C 129 15.52 -0.27 -25.15
C ALA C 129 15.94 -1.67 -24.70
N ALA C 130 15.64 -2.68 -25.51
CA ALA C 130 16.04 -4.04 -25.16
C ALA C 130 17.56 -4.16 -25.12
N SER C 131 18.24 -3.60 -26.12
CA SER C 131 19.70 -3.60 -26.10
C SER C 131 20.23 -2.70 -24.98
N HIS C 132 19.63 -1.52 -24.80
CA HIS C 132 20.06 -0.60 -23.77
C HIS C 132 19.99 -1.23 -22.38
N LEU C 133 18.84 -1.84 -22.06
CA LEU C 133 18.70 -2.51 -20.77
C LEU C 133 19.63 -3.70 -20.65
N GLY C 134 19.90 -4.40 -21.75
CA GLY C 134 20.75 -5.57 -21.70
C GLY C 134 22.18 -5.24 -21.32
N VAL C 135 22.77 -4.25 -21.99
CA VAL C 135 24.17 -3.91 -21.74
C VAL C 135 24.35 -3.31 -20.35
N LEU C 136 23.43 -2.43 -19.93
CA LEU C 136 23.57 -1.77 -18.65
C LEU C 136 23.34 -2.71 -17.47
N SER C 137 22.66 -3.84 -17.69
CA SER C 137 22.41 -4.82 -16.64
C SER C 137 23.23 -6.09 -16.80
N ASN C 138 23.98 -6.22 -17.89
CA ASN C 138 24.77 -7.41 -18.20
C ASN C 138 23.88 -8.67 -18.17
N THR C 139 22.84 -8.64 -18.99
CA THR C 139 21.92 -9.76 -19.12
C THR C 139 21.58 -9.95 -20.59
N ARG C 140 21.19 -11.17 -20.94
CA ARG C 140 20.84 -11.51 -22.32
C ARG C 140 19.39 -11.15 -22.56
N THR C 141 19.15 -10.28 -23.54
CA THR C 141 17.82 -9.75 -23.80
C THR C 141 17.47 -9.91 -25.28
N ILE C 142 16.17 -9.93 -25.55
CA ILE C 142 15.63 -9.99 -26.92
C ILE C 142 14.57 -8.92 -27.06
N GLY C 143 14.66 -8.14 -28.14
CA GLY C 143 13.66 -7.13 -28.42
C GLY C 143 12.46 -7.65 -29.18
N VAL C 144 11.27 -7.48 -28.61
CA VAL C 144 10.03 -7.93 -29.23
C VAL C 144 9.05 -6.76 -29.19
N ALA C 145 8.73 -6.21 -30.36
CA ALA C 145 7.84 -5.07 -30.48
C ALA C 145 6.52 -5.50 -31.10
N LYS C 146 5.42 -4.98 -30.55
CA LYS C 146 4.09 -5.29 -31.07
C LYS C 146 3.73 -4.43 -32.27
N SER C 147 4.40 -3.31 -32.47
CA SER C 147 4.16 -2.44 -33.62
C SER C 147 5.48 -2.04 -34.25
N LEU C 148 5.39 -1.53 -35.48
CA LEU C 148 6.57 -1.27 -36.29
C LEU C 148 7.08 0.15 -36.04
N ILE C 149 8.31 0.27 -35.56
CA ILE C 149 8.97 1.56 -35.52
C ILE C 149 9.39 1.94 -36.93
N GLU C 150 9.24 3.22 -37.27
CA GLU C 150 9.60 3.72 -38.59
C GLU C 150 10.84 4.59 -38.48
N ILE C 151 11.86 4.26 -39.27
CA ILE C 151 13.11 5.01 -39.30
C ILE C 151 13.38 5.45 -40.72
N PRO C 152 12.95 6.65 -41.13
CA PRO C 152 13.22 7.10 -42.50
C PRO C 152 14.70 7.23 -42.81
N GLU C 153 15.54 7.47 -41.80
CA GLU C 153 16.98 7.59 -42.00
C GLU C 153 17.62 6.28 -42.46
N ASP C 154 16.94 5.15 -42.27
CA ASP C 154 17.43 3.86 -42.71
C ASP C 154 16.62 3.28 -43.86
N GLY C 155 15.70 4.06 -44.42
CA GLY C 155 14.90 3.64 -45.55
C GLY C 155 13.84 2.61 -45.24
N VAL C 156 13.35 2.55 -44.01
CA VAL C 156 12.28 1.64 -43.62
C VAL C 156 11.02 2.48 -43.39
N LYS C 157 9.94 2.13 -44.09
CA LYS C 157 8.66 2.79 -43.90
C LYS C 157 7.58 1.74 -43.66
N LYS C 158 6.53 2.16 -42.95
CA LYS C 158 5.50 1.23 -42.52
C LYS C 158 4.73 0.66 -43.70
N THR C 159 4.40 1.50 -44.69
CA THR C 159 3.58 1.04 -45.81
C THR C 159 4.32 -0.01 -46.63
N GLU C 160 5.64 0.11 -46.76
CA GLU C 160 6.39 -0.83 -47.57
C GLU C 160 6.55 -2.17 -46.85
N VAL C 161 6.82 -2.14 -45.54
CA VAL C 161 7.02 -3.37 -44.78
C VAL C 161 5.74 -4.21 -44.78
N ILE C 162 4.59 -3.57 -44.54
CA ILE C 162 3.35 -4.33 -44.54
C ILE C 162 2.93 -4.74 -45.95
N SER C 163 3.44 -4.07 -46.98
CA SER C 163 3.10 -4.44 -48.35
C SER C 163 3.88 -5.67 -48.79
N GLN C 164 5.20 -5.68 -48.57
CA GLN C 164 6.00 -6.85 -48.93
C GLN C 164 5.76 -8.00 -47.96
N PHE C 165 5.31 -7.72 -46.74
CA PHE C 165 4.95 -8.81 -45.83
C PHE C 165 3.65 -9.47 -46.27
N LYS C 166 2.63 -8.68 -46.62
CA LYS C 166 1.41 -9.23 -47.18
C LYS C 166 1.69 -9.94 -48.50
N ARG C 167 2.65 -9.44 -49.29
CA ARG C 167 3.09 -10.16 -50.47
C ARG C 167 3.81 -11.45 -50.08
N LEU C 168 4.68 -11.38 -49.07
CA LEU C 168 5.33 -12.58 -48.56
C LEU C 168 4.29 -13.56 -48.01
N ARG C 169 3.23 -13.03 -47.39
CA ARG C 169 2.15 -13.89 -46.91
C ARG C 169 1.49 -14.62 -48.07
N LYS C 170 1.36 -13.94 -49.22
CA LYS C 170 0.81 -14.58 -50.40
C LYS C 170 1.72 -15.69 -50.92
N THR C 171 3.04 -15.54 -50.75
CA THR C 171 3.94 -16.62 -51.11
C THR C 171 3.84 -17.80 -50.15
N GLY C 172 3.32 -17.58 -48.95
CA GLY C 172 3.21 -18.61 -47.94
C GLY C 172 4.19 -18.50 -46.80
N GLY C 173 4.98 -17.44 -46.74
CA GLY C 173 5.97 -17.28 -45.69
C GLY C 173 5.39 -16.73 -44.40
N ASN C 174 6.25 -16.66 -43.39
CA ASN C 174 5.88 -16.15 -42.08
C ASN C 174 6.94 -15.27 -41.44
N GLU C 175 8.17 -15.25 -41.96
CA GLU C 175 9.23 -14.41 -41.46
C GLU C 175 9.74 -13.51 -42.59
N LEU C 176 9.95 -12.24 -42.29
CA LEU C 176 10.40 -11.26 -43.26
C LEU C 176 11.51 -10.43 -42.64
N ASP C 177 12.70 -10.46 -43.25
CA ASP C 177 13.79 -9.62 -42.78
C ASP C 177 13.49 -8.16 -43.09
N ILE C 178 13.63 -7.31 -42.07
CA ILE C 178 13.47 -5.88 -42.23
C ILE C 178 14.87 -5.29 -42.37
N ILE C 179 15.20 -4.82 -43.56
CA ILE C 179 16.55 -4.43 -43.92
C ILE C 179 16.67 -2.91 -43.92
N SER C 180 17.75 -2.41 -43.33
CA SER C 180 18.10 -1.00 -43.46
C SER C 180 18.57 -0.73 -44.87
N THR C 181 17.88 0.19 -45.56
CA THR C 181 18.22 0.49 -46.95
C THR C 181 19.65 1.02 -47.07
N GLU C 182 20.13 1.75 -46.07
CA GLU C 182 21.53 2.12 -45.99
C GLU C 182 22.30 1.04 -45.25
N LYS C 183 23.55 0.83 -45.68
CA LYS C 183 24.48 -0.14 -45.10
C LYS C 183 24.04 -1.59 -45.35
N ASN C 184 22.80 -1.80 -45.79
CA ASN C 184 22.32 -3.13 -46.18
C ASN C 184 22.40 -4.10 -45.00
N GLU C 185 21.86 -3.68 -43.87
CA GLU C 185 21.85 -4.48 -42.65
C GLU C 185 20.43 -4.90 -42.30
N VAL C 186 20.28 -6.17 -41.93
CA VAL C 186 19.01 -6.67 -41.43
C VAL C 186 18.79 -6.08 -40.04
N LEU C 187 17.68 -5.40 -39.85
CA LEU C 187 17.37 -4.77 -38.57
C LEU C 187 16.49 -5.62 -37.67
N ALA C 188 15.51 -6.31 -38.24
CA ALA C 188 14.59 -7.12 -37.46
C ALA C 188 13.91 -8.12 -38.39
N LYS C 189 13.20 -9.06 -37.79
CA LYS C 189 12.38 -10.01 -38.52
C LYS C 189 10.92 -9.77 -38.16
N ALA C 190 10.09 -9.56 -39.18
CA ALA C 190 8.64 -9.51 -38.98
C ALA C 190 8.15 -10.95 -39.00
N VAL C 191 7.70 -11.45 -37.86
CA VAL C 191 7.44 -12.86 -37.69
C VAL C 191 5.97 -13.07 -37.35
N LEU C 192 5.51 -14.30 -37.59
CA LEU C 192 4.12 -14.69 -37.33
C LEU C 192 4.17 -16.16 -36.95
N TYR C 193 4.21 -16.44 -35.65
CA TYR C 193 4.34 -17.80 -35.15
C TYR C 193 3.06 -18.33 -34.52
N ALA C 194 2.00 -17.54 -34.48
CA ALA C 194 0.78 -17.97 -33.83
C ALA C 194 -0.31 -18.26 -34.85
N PRO C 195 -1.13 -19.28 -34.63
CA PRO C 195 -2.24 -19.54 -35.54
C PRO C 195 -3.34 -18.49 -35.42
N LYS C 196 -4.09 -18.31 -36.50
CA LYS C 196 -5.19 -17.35 -36.56
C LYS C 196 -4.72 -15.93 -36.27
N VAL C 197 -3.50 -15.60 -36.71
CA VAL C 197 -2.91 -14.29 -36.52
C VAL C 197 -2.40 -13.80 -37.87
N GLU C 198 -2.59 -12.51 -38.13
CA GLU C 198 -2.08 -11.93 -39.37
C GLU C 198 -1.18 -10.73 -39.12
N LYS C 199 -1.38 -10.05 -37.99
CA LYS C 199 -0.53 -8.92 -37.64
C LYS C 199 0.81 -9.42 -37.09
N PRO C 200 1.93 -9.03 -37.68
CA PRO C 200 3.22 -9.55 -37.22
C PRO C 200 3.81 -8.77 -36.07
N ILE C 201 4.64 -9.47 -35.30
CA ILE C 201 5.48 -8.83 -34.29
C ILE C 201 6.90 -8.77 -34.84
N PHE C 202 7.71 -7.90 -34.24
CA PHE C 202 9.02 -7.54 -34.79
C PHE C 202 10.10 -7.89 -33.78
N VAL C 203 10.83 -8.96 -34.05
CA VAL C 203 11.90 -9.44 -33.17
C VAL C 203 13.21 -8.82 -33.61
N SER C 204 13.96 -8.27 -32.66
CA SER C 204 15.28 -7.71 -32.93
C SER C 204 16.24 -8.14 -31.82
N ALA C 205 17.52 -8.20 -32.18
CA ALA C 205 18.53 -8.64 -31.23
C ALA C 205 18.68 -7.62 -30.09
N GLY C 206 18.78 -8.15 -28.87
CA GLY C 206 18.95 -7.30 -27.70
C GLY C 206 20.39 -7.24 -27.22
N HIS C 207 20.85 -8.29 -26.55
CA HIS C 207 22.20 -8.33 -26.03
C HIS C 207 22.63 -9.79 -25.86
N LYS C 208 23.87 -10.07 -26.24
CA LYS C 208 24.46 -11.41 -26.12
C LYS C 208 23.67 -12.46 -26.88
N CYS C 209 23.06 -12.07 -28.00
CA CYS C 209 22.24 -12.99 -28.78
C CYS C 209 22.06 -12.44 -30.19
N SER C 210 22.10 -13.33 -31.17
CA SER C 210 21.92 -12.95 -32.57
C SER C 210 20.44 -12.89 -32.93
N LEU C 211 20.15 -12.26 -34.07
CA LEU C 211 18.77 -12.13 -34.52
C LEU C 211 18.18 -13.48 -34.90
N GLU C 212 18.96 -14.33 -35.58
CA GLU C 212 18.45 -15.63 -36.01
C GLU C 212 18.12 -16.52 -34.82
N THR C 213 18.95 -16.47 -33.77
CA THR C 213 18.67 -17.26 -32.57
C THR C 213 17.51 -16.67 -31.78
N ALA C 214 17.44 -15.34 -31.71
CA ALA C 214 16.33 -14.69 -31.01
C ALA C 214 14.98 -15.06 -31.61
N ALA C 215 14.91 -15.15 -32.94
CA ALA C 215 13.65 -15.53 -33.57
C ALA C 215 13.22 -16.93 -33.17
N LYS C 216 14.18 -17.86 -33.06
CA LYS C 216 13.87 -19.21 -32.61
C LYS C 216 13.34 -19.21 -31.19
N ILE C 217 13.96 -18.42 -30.30
CA ILE C 217 13.52 -18.36 -28.91
C ILE C 217 12.11 -17.78 -28.82
N VAL C 218 11.84 -16.71 -29.58
CA VAL C 218 10.50 -16.11 -29.57
C VAL C 218 9.48 -17.11 -30.08
N LYS C 219 9.84 -17.90 -31.10
CA LYS C 219 8.93 -18.91 -31.63
C LYS C 219 8.62 -19.96 -30.57
N GLY C 220 9.61 -20.37 -29.79
CA GLY C 220 9.37 -21.31 -28.71
C GLY C 220 8.48 -20.74 -27.61
N CYS C 221 8.58 -19.43 -27.36
CA CYS C 221 7.76 -18.77 -26.36
C CYS C 221 6.38 -18.41 -26.88
N THR C 222 6.10 -18.68 -28.15
CA THR C 222 4.85 -18.25 -28.78
C THR C 222 3.75 -19.27 -28.54
N LYS C 223 2.66 -18.81 -27.91
CA LYS C 223 1.41 -19.54 -27.87
C LYS C 223 0.34 -18.80 -28.67
N THR C 224 -0.02 -17.60 -28.24
CA THR C 224 -0.82 -16.68 -29.04
C THR C 224 0.13 -15.65 -29.67
N ARG C 225 -0.42 -14.53 -30.15
CA ARG C 225 0.41 -13.54 -30.83
C ARG C 225 1.48 -12.98 -29.90
N ILE C 226 1.13 -12.72 -28.66
CA ILE C 226 2.08 -12.20 -27.67
C ILE C 226 2.81 -13.37 -27.01
N PRO C 227 4.14 -13.36 -26.96
CA PRO C 227 4.85 -14.44 -26.28
C PRO C 227 4.48 -14.51 -24.80
N GLU C 228 4.52 -15.73 -24.27
CA GLU C 228 4.06 -15.96 -22.90
C GLU C 228 4.78 -15.11 -21.86
N PRO C 229 6.10 -14.96 -21.86
CA PRO C 229 6.73 -14.09 -20.85
C PRO C 229 6.22 -12.66 -20.87
N ILE C 230 6.07 -12.08 -22.07
CA ILE C 230 5.53 -10.72 -22.16
C ILE C 230 4.06 -10.70 -21.77
N LYS C 231 3.30 -11.73 -22.16
CA LYS C 231 1.89 -11.81 -21.80
C LYS C 231 1.69 -11.79 -20.29
N MET C 232 2.47 -12.61 -19.57
CA MET C 232 2.29 -12.72 -18.13
C MET C 232 2.72 -11.43 -17.43
N ALA C 233 3.89 -10.89 -17.80
CA ALA C 233 4.35 -9.64 -17.20
C ALA C 233 3.35 -8.51 -17.46
N ASP C 234 2.84 -8.42 -18.68
CA ASP C 234 1.79 -7.45 -18.99
C ASP C 234 0.55 -7.71 -18.13
N LYS C 235 0.18 -8.98 -17.96
CA LYS C 235 -1.03 -9.31 -17.23
C LYS C 235 -0.94 -8.90 -15.76
N TRP C 236 0.11 -9.35 -15.07
CA TRP C 236 0.19 -9.11 -13.63
C TRP C 236 0.49 -7.65 -13.31
N SER C 237 1.26 -6.97 -14.16
CA SER C 237 1.54 -5.55 -13.92
C SER C 237 0.26 -4.73 -13.97
N ARG C 238 -0.58 -4.98 -14.97
CA ARG C 238 -1.84 -4.24 -15.08
C ARG C 238 -2.79 -4.59 -13.95
N LYS C 239 -2.83 -5.86 -13.55
CA LYS C 239 -3.72 -6.26 -12.46
C LYS C 239 -3.34 -5.59 -11.15
N GLU C 240 -2.04 -5.57 -10.83
CA GLU C 240 -1.59 -4.94 -9.59
C GLU C 240 -1.76 -3.43 -9.64
N LEU C 241 -1.59 -2.81 -10.81
CA LEU C 241 -1.81 -1.38 -10.91
C LEU C 241 -3.26 -1.02 -10.58
N LYS C 242 -4.20 -1.77 -11.15
CA LYS C 242 -5.60 -1.53 -10.83
C LYS C 242 -5.96 -1.97 -9.41
N LYS C 243 -5.08 -2.69 -8.73
CA LYS C 243 -5.34 -3.04 -7.34
C LYS C 243 -5.00 -1.88 -6.41
N ILE C 244 -4.05 -1.02 -6.80
CA ILE C 244 -3.77 0.21 -6.08
C ILE C 244 -4.24 1.43 -6.88
N GLU C 245 -5.12 1.20 -7.86
CA GLU C 245 -5.79 2.24 -8.67
C GLU C 245 -4.81 3.05 -9.51
N ASP D 7 36.16 30.34 23.52
CA ASP D 7 36.81 30.34 22.22
C ASP D 7 38.28 29.97 22.36
N GLU D 8 38.88 30.32 23.50
CA GLU D 8 40.20 29.81 23.83
C GLU D 8 40.13 28.34 24.27
N GLN D 9 38.93 27.84 24.56
CA GLN D 9 38.79 26.44 24.98
C GLN D 9 38.96 25.49 23.79
N ILE D 10 38.39 25.85 22.64
CA ILE D 10 38.52 24.98 21.46
C ILE D 10 39.95 25.01 20.95
N ALA D 11 40.63 26.16 21.05
CA ALA D 11 42.03 26.22 20.69
C ALA D 11 42.88 25.40 21.66
N GLU D 12 42.47 25.36 22.93
CA GLU D 12 43.14 24.54 23.93
C GLU D 12 42.89 23.05 23.69
N TRP D 13 41.71 22.71 23.17
CA TRP D 13 41.37 21.32 22.90
C TRP D 13 42.17 20.77 21.71
N ASN D 14 42.34 21.59 20.67
CA ASN D 14 43.03 21.13 19.46
C ASN D 14 44.47 20.70 19.76
N SER D 15 45.17 21.48 20.59
CA SER D 15 46.53 21.10 20.97
C SER D 15 46.56 19.80 21.75
N LYS D 16 45.52 19.53 22.54
CA LYS D 16 45.46 18.29 23.31
C LYS D 16 45.23 17.08 22.40
N GLN D 17 44.40 17.23 21.36
CA GLN D 17 44.13 16.10 20.48
C GLN D 17 45.36 15.72 19.64
N GLU D 18 46.18 16.70 19.26
CA GLU D 18 47.40 16.41 18.54
C GLU D 18 48.46 15.80 19.45
N GLU D 19 48.50 16.24 20.71
CA GLU D 19 49.40 15.63 21.67
C GLU D 19 49.12 14.13 21.82
N LEU D 20 47.84 13.76 21.78
CA LEU D 20 47.41 12.37 21.87
C LEU D 20 47.34 11.68 20.50
N ARG D 21 47.42 12.44 19.41
CA ARG D 21 47.25 11.88 18.06
C ARG D 21 48.24 10.76 17.80
N ASP D 22 49.53 11.01 18.01
CA ASP D 22 50.54 10.02 17.70
C ASP D 22 50.56 8.87 18.71
N LYS D 23 49.95 9.03 19.87
CA LYS D 23 49.95 8.00 20.89
C LYS D 23 48.89 6.92 20.65
N ILE D 24 48.06 7.06 19.62
CA ILE D 24 47.01 6.08 19.35
C ILE D 24 47.61 4.90 18.59
N ILE D 25 47.40 3.70 19.11
CA ILE D 25 47.88 2.47 18.51
C ILE D 25 46.75 1.89 17.65
N ARG D 26 47.00 1.76 16.35
CA ARG D 26 46.02 1.23 15.41
C ARG D 26 46.37 -0.17 14.93
N SER D 27 47.24 -0.87 15.66
CA SER D 27 47.69 -2.20 15.28
C SER D 27 47.30 -3.21 16.35
N ASP D 28 47.05 -4.45 15.92
CA ASP D 28 46.67 -5.50 16.85
C ASP D 28 47.83 -5.90 17.75
N GLY D 29 49.01 -6.08 17.17
CA GLY D 29 50.13 -6.59 17.94
C GLY D 29 49.87 -8.04 18.31
N ASP D 30 50.09 -8.37 19.58
CA ASP D 30 49.78 -9.71 20.07
C ASP D 30 48.29 -9.90 20.35
N PHE D 31 47.46 -8.89 20.10
CA PHE D 31 46.03 -9.04 20.24
C PHE D 31 45.44 -9.70 19.00
N SER D 32 44.41 -10.50 19.20
CA SER D 32 43.74 -11.20 18.11
C SER D 32 42.28 -11.41 18.48
N LEU D 33 41.49 -11.82 17.49
CA LEU D 33 40.07 -12.09 17.72
C LEU D 33 39.88 -13.20 18.74
N SER D 34 40.78 -14.20 18.75
CA SER D 34 40.66 -15.29 19.70
C SER D 34 40.81 -14.82 21.15
N LYS D 35 41.50 -13.70 21.36
CA LYS D 35 41.70 -13.20 22.72
C LYS D 35 40.43 -12.60 23.31
N VAL D 36 39.45 -12.23 22.47
CA VAL D 36 38.25 -11.55 22.96
C VAL D 36 37.39 -12.52 23.76
N LYS D 37 37.46 -12.40 25.09
CA LYS D 37 36.62 -13.16 25.99
C LYS D 37 35.48 -12.33 26.57
N TYR D 38 35.75 -11.06 26.88
CA TYR D 38 34.75 -10.11 27.35
C TYR D 38 34.81 -8.86 26.50
N VAL D 39 33.66 -8.25 26.25
CA VAL D 39 33.56 -6.99 25.51
C VAL D 39 32.75 -6.03 26.36
N GLY D 40 33.24 -4.80 26.50
CA GLY D 40 32.64 -3.80 27.35
C GLY D 40 31.94 -2.71 26.55
N GLY D 41 30.93 -2.10 27.16
CA GLY D 41 30.24 -0.98 26.55
C GLY D 41 30.11 0.16 27.53
N PHE D 42 29.95 1.36 26.99
CA PHE D 42 29.87 2.57 27.80
C PHE D 42 29.04 3.61 27.05
N ASP D 43 28.12 4.25 27.78
CA ASP D 43 27.29 5.30 27.21
C ASP D 43 26.93 6.29 28.31
N VAL D 44 26.60 7.52 27.89
CA VAL D 44 26.14 8.57 28.79
C VAL D 44 24.79 9.05 28.31
N SER D 45 23.84 9.15 29.24
CA SER D 45 22.51 9.68 28.95
C SER D 45 22.38 11.05 29.62
N TYR D 46 21.85 12.01 28.86
CA TYR D 46 21.82 13.41 29.30
C TYR D 46 20.38 13.86 29.53
N SER D 47 20.24 14.89 30.36
CA SER D 47 18.94 15.44 30.71
C SER D 47 18.70 16.72 29.92
N LYS D 48 17.54 16.78 29.26
CA LYS D 48 17.17 18.00 28.54
C LYS D 48 16.66 19.08 29.49
N ILE D 49 15.99 18.70 30.57
CA ILE D 49 15.48 19.67 31.54
C ILE D 49 16.57 20.17 32.48
N ASN D 50 17.66 19.41 32.65
CA ASN D 50 18.74 19.76 33.57
C ASN D 50 20.02 19.91 32.76
N HIS D 51 20.55 21.12 32.68
CA HIS D 51 21.64 21.44 31.76
C HIS D 51 22.96 20.78 32.12
N GLU D 52 23.16 20.37 33.38
CA GLU D 52 24.44 19.84 33.80
C GLU D 52 24.35 18.43 34.37
N LEU D 53 23.19 17.79 34.28
CA LEU D 53 23.00 16.46 34.85
C LEU D 53 23.06 15.41 33.74
N ALA D 54 23.77 14.33 34.03
CA ALA D 54 23.87 13.20 33.11
C ALA D 54 24.06 11.92 33.92
N VAL D 55 23.96 10.79 33.22
CA VAL D 55 24.11 9.48 33.84
C VAL D 55 25.02 8.63 32.96
N SER D 56 26.12 8.16 33.52
CA SER D 56 27.03 7.26 32.82
C SER D 56 26.71 5.82 33.16
N CYS D 57 26.94 4.94 32.19
CA CYS D 57 26.71 3.50 32.36
C CYS D 57 27.81 2.72 31.67
N MET D 58 28.38 1.74 32.36
CA MET D 58 29.37 0.86 31.79
C MET D 58 28.91 -0.58 31.98
N VAL D 59 28.95 -1.38 30.92
CA VAL D 59 28.51 -2.76 30.95
C VAL D 59 29.60 -3.64 30.36
N VAL D 60 29.57 -4.92 30.76
CA VAL D 60 30.47 -5.93 30.25
C VAL D 60 29.63 -7.12 29.79
N LEU D 61 29.88 -7.58 28.56
CA LEU D 61 29.15 -8.70 27.99
C LEU D 61 30.13 -9.79 27.58
N SER D 62 29.69 -11.04 27.70
CA SER D 62 30.51 -12.18 27.36
C SER D 62 30.56 -12.38 25.85
N TYR D 63 31.76 -12.56 25.32
CA TYR D 63 31.95 -12.77 23.88
C TYR D 63 32.20 -14.25 23.60
N PRO D 64 31.53 -14.80 22.57
CA PRO D 64 30.58 -14.11 21.70
C PRO D 64 29.12 -14.30 22.07
N GLU D 65 28.84 -14.88 23.23
CA GLU D 65 27.46 -15.16 23.62
C GLU D 65 26.64 -13.90 23.85
N MET D 66 27.29 -12.75 24.07
CA MET D 66 26.61 -11.46 24.26
C MET D 66 25.68 -11.49 25.47
N LYS D 67 26.05 -12.24 26.50
CA LYS D 67 25.29 -12.26 27.74
C LYS D 67 25.90 -11.24 28.71
N GLN D 68 25.05 -10.41 29.30
CA GLN D 68 25.50 -9.36 30.18
C GLN D 68 25.99 -9.93 31.51
N VAL D 69 27.22 -9.59 31.88
CA VAL D 69 27.82 -10.07 33.13
C VAL D 69 28.16 -8.95 34.10
N TYR D 70 28.11 -7.69 33.66
CA TYR D 70 28.39 -6.56 34.54
C TYR D 70 27.62 -5.35 34.07
N MET D 71 27.15 -4.54 35.04
CA MET D 71 26.50 -3.28 34.72
C MET D 71 26.57 -2.38 35.93
N ASN D 72 26.97 -1.13 35.72
CA ASN D 72 26.97 -0.13 36.78
C ASN D 72 26.57 1.20 36.17
N THR D 73 25.79 1.97 36.93
CA THR D 73 25.34 3.28 36.53
C THR D 73 25.63 4.28 37.63
N THR D 74 26.11 5.46 37.25
CA THR D 74 26.54 6.47 38.21
C THR D 74 26.00 7.83 37.81
N LYS D 75 25.50 8.57 38.80
CA LYS D 75 25.07 9.94 38.56
C LYS D 75 26.28 10.82 38.27
N VAL D 76 26.17 11.66 37.25
CA VAL D 76 27.29 12.43 36.74
C VAL D 76 26.94 13.91 36.72
N LYS D 77 27.93 14.75 37.04
CA LYS D 77 27.83 16.19 36.94
C LYS D 77 28.68 16.62 35.74
N LEU D 78 28.06 17.31 34.79
CA LEU D 78 28.72 17.64 33.53
C LEU D 78 29.48 18.95 33.62
N SER D 79 30.08 19.35 32.50
CA SER D 79 30.88 20.56 32.43
C SER D 79 31.02 21.05 30.99
N CYS D 80 31.09 20.12 30.04
CA CYS D 80 31.32 20.47 28.65
C CYS D 80 30.07 20.27 27.80
N PRO D 81 29.79 21.18 26.89
CA PRO D 81 28.71 20.98 25.92
C PRO D 81 29.22 20.20 24.71
N TYR D 82 28.27 19.73 23.90
CA TYR D 82 28.62 18.95 22.73
C TYR D 82 29.00 19.85 21.56
N LYS D 83 30.14 19.57 20.95
CA LYS D 83 30.54 20.15 19.68
C LYS D 83 31.26 19.06 18.89
N SER D 84 30.97 19.00 17.59
CA SER D 84 31.58 17.98 16.74
C SER D 84 33.10 18.04 16.81
N SER D 85 33.72 16.86 16.75
CA SER D 85 35.17 16.64 16.85
C SER D 85 35.73 16.89 18.24
N TYR D 86 34.88 17.11 19.25
CA TYR D 86 35.35 17.30 20.61
C TYR D 86 34.50 16.51 21.61
N LEU D 87 33.93 15.39 21.17
CA LEU D 87 33.09 14.58 22.05
C LEU D 87 33.90 13.97 23.18
N ALA D 88 35.20 13.76 22.98
CA ALA D 88 36.02 13.07 23.97
C ALA D 88 35.99 13.79 25.30
N PHE D 89 36.19 15.11 25.29
CA PHE D 89 36.23 15.88 26.53
C PHE D 89 34.89 15.86 27.26
N ARG D 90 33.80 15.55 26.56
CA ARG D 90 32.49 15.47 27.20
C ARG D 90 32.36 14.21 28.03
N GLU D 91 32.85 13.07 27.52
CA GLU D 91 32.61 11.78 28.14
C GLU D 91 33.87 11.14 28.70
N ILE D 92 35.01 11.85 28.70
CA ILE D 92 36.25 11.25 29.19
C ILE D 92 36.17 11.02 30.69
N GLU D 93 35.67 11.99 31.44
CA GLU D 93 35.64 11.87 32.89
C GLU D 93 34.67 10.79 33.36
N PRO D 94 33.41 10.73 32.89
CA PRO D 94 32.53 9.63 33.32
C PRO D 94 33.05 8.26 32.92
N PHE D 95 33.77 8.15 31.80
CA PHE D 95 34.32 6.87 31.38
C PHE D 95 35.37 6.37 32.36
N GLN D 96 36.26 7.26 32.81
CA GLN D 96 37.30 6.85 33.75
C GLN D 96 36.71 6.48 35.11
N GLN D 97 35.66 7.18 35.54
CA GLN D 97 35.01 6.83 36.80
C GLN D 97 34.35 5.47 36.72
N GLU D 98 33.65 5.19 35.61
CA GLU D 98 33.02 3.88 35.43
C GLU D 98 34.07 2.77 35.33
N LEU D 99 35.17 3.04 34.61
CA LEU D 99 36.21 2.04 34.44
C LEU D 99 36.84 1.66 35.77
N GLN D 100 37.07 2.65 36.65
CA GLN D 100 37.71 2.36 37.92
C GLN D 100 36.78 1.62 38.88
N LEU D 101 35.48 1.92 38.82
CA LEU D 101 34.52 1.16 39.60
C LEU D 101 34.48 -0.29 39.14
N LEU D 102 34.63 -0.51 37.82
CA LEU D 102 34.68 -1.87 37.30
C LEU D 102 35.94 -2.60 37.77
N LYS D 103 37.10 -1.94 37.68
CA LYS D 103 38.35 -2.56 38.11
C LYS D 103 38.37 -2.82 39.62
N ALA D 104 37.62 -2.02 40.40
CA ALA D 104 37.64 -2.19 41.85
C ALA D 104 36.66 -3.27 42.30
N LYS D 105 35.49 -3.34 41.68
CA LYS D 105 34.47 -4.30 42.10
C LYS D 105 34.73 -5.69 41.50
N LYS D 106 34.72 -5.78 40.18
CA LYS D 106 34.95 -7.05 39.48
C LYS D 106 36.09 -6.87 38.48
N PRO D 107 37.34 -7.04 38.91
CA PRO D 107 38.48 -6.84 37.99
C PRO D 107 38.66 -8.00 37.03
N ASN D 108 38.10 -9.18 37.33
CA ASN D 108 38.21 -10.31 36.42
C ASN D 108 37.35 -10.13 35.18
N LEU D 109 36.37 -9.22 35.21
CA LEU D 109 35.48 -8.96 34.08
C LEU D 109 35.93 -7.76 33.26
N GLU D 110 37.14 -7.26 33.48
CA GLU D 110 37.65 -6.20 32.64
C GLU D 110 37.77 -6.71 31.21
N PRO D 111 37.03 -6.15 30.27
CA PRO D 111 36.98 -6.73 28.92
C PRO D 111 38.25 -6.44 28.13
N GLN D 112 38.50 -7.33 27.15
CA GLN D 112 39.64 -7.14 26.26
C GLN D 112 39.48 -5.91 25.39
N VAL D 113 38.25 -5.56 25.02
CA VAL D 113 37.99 -4.46 24.11
C VAL D 113 36.71 -3.75 24.53
N PHE D 114 36.65 -2.46 24.25
CA PHE D 114 35.48 -1.63 24.53
C PHE D 114 34.89 -1.11 23.23
N LEU D 115 33.56 -1.11 23.15
CA LEU D 115 32.83 -0.42 22.08
C LEU D 115 32.30 0.88 22.63
N LEU D 116 32.64 1.99 21.98
CA LEU D 116 32.29 3.32 22.45
C LEU D 116 31.46 4.03 21.40
N ASP D 117 30.47 4.78 21.86
CA ASP D 117 29.66 5.59 20.97
C ASP D 117 30.52 6.65 20.29
N GLY D 118 30.43 6.72 18.97
CA GLY D 118 31.22 7.66 18.20
C GLY D 118 32.37 6.98 17.48
N ASN D 119 33.21 7.80 16.88
CA ASN D 119 34.31 7.34 16.05
C ASN D 119 35.62 7.32 16.84
N GLY D 120 36.60 6.63 16.28
CA GLY D 120 37.94 6.60 16.84
C GLY D 120 38.97 7.21 15.92
N PHE D 121 39.54 6.39 15.03
CA PHE D 121 40.48 6.90 14.05
C PHE D 121 39.78 7.79 13.03
N PHE D 122 38.49 7.58 12.81
CA PHE D 122 37.69 8.39 11.89
C PHE D 122 37.45 9.75 12.53
N HIS D 123 38.48 10.59 12.49
CA HIS D 123 38.44 11.88 13.16
C HIS D 123 39.36 12.85 12.41
N ILE D 124 39.11 14.15 12.61
CA ILE D 124 39.86 15.15 11.86
C ILE D 124 41.33 15.13 12.25
N ARG D 125 41.62 15.13 13.56
CA ARG D 125 42.98 14.99 14.05
C ARG D 125 43.35 13.55 14.38
N ARG D 126 42.61 12.58 13.82
CA ARG D 126 42.89 11.16 14.03
C ARG D 126 42.88 10.80 15.52
N CYS D 127 42.00 11.46 16.28
CA CYS D 127 41.93 11.27 17.73
C CYS D 127 40.46 11.42 18.15
N GLY D 128 39.64 10.47 17.74
CA GLY D 128 38.25 10.44 18.14
C GLY D 128 38.09 10.07 19.60
N ALA D 129 36.83 10.09 20.06
CA ALA D 129 36.54 9.80 21.46
C ALA D 129 36.96 8.39 21.83
N ALA D 130 36.77 7.43 20.93
CA ALA D 130 37.18 6.06 21.22
C ALA D 130 38.69 5.98 21.39
N SER D 131 39.45 6.60 20.48
CA SER D 131 40.90 6.64 20.61
C SER D 131 41.33 7.48 21.81
N HIS D 132 40.71 8.65 21.98
CA HIS D 132 41.06 9.54 23.08
C HIS D 132 40.86 8.85 24.43
N LEU D 133 39.68 8.27 24.65
CA LEU D 133 39.42 7.56 25.89
C LEU D 133 40.29 6.32 26.02
N GLY D 134 40.60 5.67 24.91
CA GLY D 134 41.42 4.47 24.97
C GLY D 134 42.83 4.74 25.45
N VAL D 135 43.48 5.76 24.87
CA VAL D 135 44.88 6.03 25.20
C VAL D 135 45.02 6.51 26.65
N LEU D 136 44.15 7.41 27.09
CA LEU D 136 44.26 7.92 28.45
C LEU D 136 43.89 6.88 29.50
N SER D 137 43.15 5.84 29.12
CA SER D 137 42.83 4.75 30.02
CA SER D 137 42.83 4.75 30.02
C SER D 137 43.64 3.50 29.75
N ASN D 138 44.47 3.50 28.70
CA ASN D 138 45.29 2.36 28.32
C ASN D 138 44.43 1.10 28.19
N THR D 139 43.42 1.20 27.34
CA THR D 139 42.50 0.10 27.09
C THR D 139 42.22 0.01 25.60
N ARG D 140 41.85 -1.19 25.17
CA ARG D 140 41.57 -1.46 23.76
C ARG D 140 40.13 -1.05 23.46
N THR D 141 39.97 -0.14 22.50
CA THR D 141 38.66 0.44 22.20
C THR D 141 38.36 0.34 20.71
N ILE D 142 37.07 0.37 20.39
CA ILE D 142 36.57 0.38 19.02
C ILE D 142 35.56 1.51 18.88
N GLY D 143 35.72 2.33 17.85
CA GLY D 143 34.77 3.38 17.57
C GLY D 143 33.61 2.93 16.71
N VAL D 144 32.38 3.09 17.21
CA VAL D 144 31.17 2.71 16.50
C VAL D 144 30.22 3.90 16.53
N ALA D 145 29.97 4.51 15.37
CA ALA D 145 29.11 5.67 15.25
C ALA D 145 27.81 5.29 14.55
N LYS D 146 26.70 5.80 15.08
CA LYS D 146 25.39 5.55 14.49
C LYS D 146 25.07 6.48 13.33
N SER D 147 25.78 7.60 13.21
CA SER D 147 25.60 8.53 12.11
C SER D 147 26.97 8.90 11.54
N LEU D 148 26.96 9.46 10.33
CA LEU D 148 28.19 9.70 9.58
C LEU D 148 28.73 11.09 9.88
N ILE D 149 29.95 11.15 10.43
CA ILE D 149 30.67 12.41 10.54
C ILE D 149 31.20 12.82 9.18
N GLU D 150 31.17 14.12 8.89
CA GLU D 150 31.69 14.65 7.64
C GLU D 150 32.99 15.39 7.89
N ILE D 151 34.03 15.01 7.15
CA ILE D 151 35.35 15.64 7.28
C ILE D 151 35.75 16.21 5.93
N PRO D 152 35.45 17.47 5.65
CA PRO D 152 35.84 18.05 4.35
C PRO D 152 37.34 18.10 4.13
N GLU D 153 38.13 18.16 5.21
CA GLU D 153 39.58 18.19 5.06
C GLU D 153 40.14 16.88 4.50
N ASP D 154 39.36 15.81 4.53
CA ASP D 154 39.77 14.52 3.98
C ASP D 154 38.98 14.13 2.74
N GLY D 155 38.18 15.04 2.20
CA GLY D 155 37.40 14.74 1.01
C GLY D 155 36.23 13.82 1.26
N VAL D 156 35.66 13.84 2.47
CA VAL D 156 34.50 13.02 2.79
C VAL D 156 33.27 13.93 2.87
N LYS D 157 32.21 13.51 2.19
CA LYS D 157 30.91 14.17 2.22
C LYS D 157 29.86 13.11 2.53
N LYS D 158 28.84 13.51 3.29
CA LYS D 158 27.83 12.55 3.73
C LYS D 158 27.07 11.96 2.55
N THR D 159 26.74 12.80 1.56
CA THR D 159 25.95 12.31 0.42
C THR D 159 26.74 11.35 -0.45
N GLU D 160 28.06 11.54 -0.55
CA GLU D 160 28.88 10.65 -1.36
C GLU D 160 28.95 9.24 -0.77
N VAL D 161 28.99 9.14 0.56
CA VAL D 161 29.15 7.84 1.19
C VAL D 161 27.85 7.05 1.14
N ILE D 162 26.71 7.69 1.42
CA ILE D 162 25.45 6.97 1.42
C ILE D 162 25.03 6.61 0.00
N SER D 163 25.38 7.44 -0.99
CA SER D 163 25.11 7.09 -2.38
C SER D 163 26.03 5.97 -2.84
N GLN D 164 27.30 6.01 -2.43
CA GLN D 164 28.23 4.93 -2.74
C GLN D 164 27.84 3.64 -2.02
N PHE D 165 27.28 3.75 -0.81
CA PHE D 165 26.86 2.55 -0.08
C PHE D 165 25.60 1.96 -0.69
N LYS D 166 24.66 2.80 -1.11
CA LYS D 166 23.46 2.31 -1.78
C LYS D 166 23.81 1.63 -3.10
N ARG D 167 24.83 2.13 -3.80
CA ARG D 167 25.31 1.46 -5.00
C ARG D 167 25.88 0.09 -4.66
N LEU D 168 26.71 0.03 -3.62
CA LEU D 168 27.27 -1.25 -3.18
C LEU D 168 26.16 -2.19 -2.71
N ARG D 169 25.11 -1.63 -2.08
CA ARG D 169 24.00 -2.45 -1.63
C ARG D 169 23.31 -3.12 -2.81
N LYS D 170 23.22 -2.42 -3.95
CA LYS D 170 22.62 -3.01 -5.14
C LYS D 170 23.44 -4.19 -5.64
N THR D 171 24.76 -4.13 -5.48
CA THR D 171 25.61 -5.28 -5.82
C THR D 171 25.46 -6.42 -4.83
N GLY D 172 24.98 -6.15 -3.63
CA GLY D 172 24.81 -7.16 -2.61
C GLY D 172 25.81 -7.11 -1.47
N GLY D 173 26.68 -6.10 -1.42
CA GLY D 173 27.69 -6.01 -0.39
C GLY D 173 27.16 -5.44 0.91
N ASN D 174 28.04 -5.43 1.91
CA ASN D 174 27.70 -4.92 3.23
C ASN D 174 28.81 -4.12 3.90
N GLU D 175 30.04 -4.14 3.40
CA GLU D 175 31.14 -3.37 3.97
C GLU D 175 31.70 -2.42 2.92
N LEU D 176 31.93 -1.17 3.31
CA LEU D 176 32.44 -0.15 2.40
C LEU D 176 33.54 0.63 3.11
N ASP D 177 34.74 0.61 2.53
CA ASP D 177 35.85 1.39 3.06
C ASP D 177 35.61 2.88 2.84
N ILE D 178 35.77 3.67 3.89
CA ILE D 178 35.68 5.12 3.82
C ILE D 178 37.10 5.66 3.70
N ILE D 179 37.44 6.20 2.53
CA ILE D 179 38.81 6.55 2.19
C ILE D 179 38.99 8.06 2.30
N SER D 180 40.05 8.49 2.98
CA SER D 180 40.49 9.87 2.94
C SER D 180 41.14 10.17 1.61
N THR D 181 40.58 11.13 0.86
CA THR D 181 41.12 11.46 -0.45
C THR D 181 42.54 12.01 -0.37
N GLU D 182 43.02 12.38 0.82
CA GLU D 182 44.36 12.96 0.95
C GLU D 182 45.43 11.89 0.76
N LYS D 183 45.45 10.90 1.66
CA LYS D 183 46.48 9.87 1.65
C LYS D 183 45.97 8.52 1.15
N ASN D 184 44.70 8.43 0.77
CA ASN D 184 44.10 7.17 0.31
C ASN D 184 44.29 6.06 1.35
N GLU D 185 44.01 6.40 2.60
CA GLU D 185 44.07 5.48 3.72
C GLU D 185 42.67 5.22 4.24
N VAL D 186 42.37 3.96 4.54
CA VAL D 186 41.06 3.62 5.09
C VAL D 186 40.96 4.19 6.50
N LEU D 187 39.94 5.02 6.72
CA LEU D 187 39.69 5.63 8.02
C LEU D 187 38.67 4.85 8.85
N ALA D 188 37.65 4.32 8.19
CA ALA D 188 36.59 3.57 8.86
C ALA D 188 35.90 2.72 7.81
N LYS D 189 35.11 1.76 8.27
CA LYS D 189 34.29 0.94 7.39
C LYS D 189 32.82 1.17 7.70
N ALA D 190 32.05 1.51 6.65
CA ALA D 190 30.60 1.57 6.77
C ALA D 190 30.06 0.16 6.60
N VAL D 191 29.50 -0.39 7.68
CA VAL D 191 29.16 -1.81 7.74
C VAL D 191 27.66 -1.97 7.97
N LEU D 192 27.16 -3.15 7.63
CA LEU D 192 25.74 -3.50 7.79
C LEU D 192 25.70 -5.00 8.09
N TYR D 193 25.66 -5.33 9.38
CA TYR D 193 25.69 -6.71 9.84
C TYR D 193 24.36 -7.19 10.38
N ALA D 194 23.34 -6.35 10.39
CA ALA D 194 22.07 -6.73 10.99
C ALA D 194 21.02 -6.99 9.92
N PRO D 195 20.13 -7.96 10.14
CA PRO D 195 19.04 -8.19 9.17
C PRO D 195 17.99 -7.10 9.26
N LYS D 196 17.28 -6.93 8.14
CA LYS D 196 16.19 -5.95 8.01
C LYS D 196 16.66 -4.52 8.25
N VAL D 197 17.95 -4.26 8.05
CA VAL D 197 18.53 -2.95 8.29
C VAL D 197 19.13 -2.45 6.98
N GLU D 198 18.97 -1.15 6.71
CA GLU D 198 19.54 -0.54 5.53
C GLU D 198 20.43 0.67 5.82
N LYS D 199 20.34 1.28 7.00
CA LYS D 199 21.22 2.38 7.34
C LYS D 199 22.49 1.84 7.99
N PRO D 200 23.67 2.07 7.41
CA PRO D 200 24.89 1.48 7.96
C PRO D 200 25.40 2.24 9.18
N ILE D 201 26.15 1.52 10.00
CA ILE D 201 26.91 2.12 11.08
C ILE D 201 28.38 2.15 10.65
N PHE D 202 29.16 2.99 11.32
CA PHE D 202 30.50 3.33 10.87
C PHE D 202 31.51 2.93 11.96
N VAL D 203 32.21 1.83 11.71
CA VAL D 203 33.19 1.31 12.66
C VAL D 203 34.57 1.85 12.31
N SER D 204 35.27 2.35 13.32
CA SER D 204 36.63 2.85 13.16
C SER D 204 37.50 2.35 14.30
N ALA D 205 38.80 2.23 14.03
CA ALA D 205 39.73 1.74 15.04
C ALA D 205 39.86 2.74 16.19
N GLY D 206 39.87 2.21 17.41
CA GLY D 206 40.01 3.05 18.59
C GLY D 206 41.42 3.10 19.14
N HIS D 207 41.83 2.04 19.83
CA HIS D 207 43.16 1.99 20.43
C HIS D 207 43.58 0.55 20.62
N LYS D 208 44.84 0.25 20.31
CA LYS D 208 45.43 -1.07 20.50
C LYS D 208 44.66 -2.14 19.72
N CYS D 209 44.13 -1.77 18.56
CA CYS D 209 43.34 -2.68 17.75
C CYS D 209 43.28 -2.16 16.33
N SER D 210 43.32 -3.07 15.37
CA SER D 210 43.27 -2.68 13.96
C SER D 210 41.82 -2.50 13.51
N LEU D 211 41.67 -1.85 12.35
CA LEU D 211 40.33 -1.59 11.82
C LEU D 211 39.62 -2.86 11.43
N GLU D 212 40.29 -3.72 10.66
CA GLU D 212 39.63 -4.94 10.16
C GLU D 212 39.28 -5.88 11.31
N THR D 213 40.14 -5.96 12.33
CA THR D 213 39.80 -6.74 13.51
C THR D 213 38.62 -6.14 14.24
N ALA D 214 38.56 -4.80 14.31
CA ALA D 214 37.42 -4.14 14.94
C ALA D 214 36.12 -4.49 14.21
N ALA D 215 36.17 -4.57 12.88
CA ALA D 215 34.98 -4.94 12.12
C ALA D 215 34.51 -6.35 12.47
N LYS D 216 35.46 -7.28 12.68
CA LYS D 216 35.10 -8.63 13.09
C LYS D 216 34.39 -8.63 14.44
N ILE D 217 34.90 -7.84 15.39
CA ILE D 217 34.31 -7.78 16.72
C ILE D 217 32.90 -7.19 16.66
N VAL D 218 32.72 -6.11 15.88
CA VAL D 218 31.41 -5.48 15.78
C VAL D 218 30.40 -6.44 15.17
N LYS D 219 30.82 -7.21 14.16
CA LYS D 219 29.91 -8.19 13.56
C LYS D 219 29.51 -9.26 14.57
N GLY D 220 30.48 -9.71 15.40
CA GLY D 220 30.15 -10.67 16.43
C GLY D 220 29.22 -10.12 17.49
N CYS D 221 29.33 -8.83 17.79
CA CYS D 221 28.44 -8.18 18.75
C CYS D 221 27.11 -7.76 18.15
N THR D 222 26.91 -7.98 16.85
CA THR D 222 25.73 -7.50 16.16
C THR D 222 24.59 -8.50 16.29
N LYS D 223 23.49 -8.06 16.89
CA LYS D 223 22.22 -8.78 16.84
C LYS D 223 21.20 -7.97 16.04
N THR D 224 20.84 -6.80 16.51
CA THR D 224 20.10 -5.81 15.73
C THR D 224 21.10 -4.79 15.19
N ARG D 225 20.60 -3.63 14.73
CA ARG D 225 21.49 -2.64 14.15
C ARG D 225 22.52 -2.15 15.16
N ILE D 226 22.09 -1.93 16.41
CA ILE D 226 22.99 -1.46 17.47
C ILE D 226 23.67 -2.66 18.12
N PRO D 227 24.99 -2.67 18.24
CA PRO D 227 25.66 -3.78 18.91
C PRO D 227 25.21 -3.92 20.35
N GLU D 228 25.21 -5.15 20.85
CA GLU D 228 24.68 -5.43 22.17
C GLU D 228 25.36 -4.64 23.29
N PRO D 229 26.70 -4.51 23.35
CA PRO D 229 27.27 -3.69 24.42
C PRO D 229 26.81 -2.24 24.40
N ILE D 230 26.75 -1.62 23.22
CA ILE D 230 26.25 -0.26 23.13
C ILE D 230 24.76 -0.20 23.44
N LYS D 231 24.00 -1.19 22.95
CA LYS D 231 22.56 -1.24 23.21
C LYS D 231 22.28 -1.28 24.71
N MET D 232 23.00 -2.13 25.44
CA MET D 232 22.73 -2.30 26.87
C MET D 232 23.13 -1.04 27.64
N ALA D 233 24.30 -0.49 27.36
CA ALA D 233 24.73 0.74 28.03
C ALA D 233 23.77 1.88 27.76
N ASP D 234 23.33 2.02 26.51
CA ASP D 234 22.30 3.01 26.18
C ASP D 234 21.02 2.76 26.96
N LYS D 235 20.61 1.50 27.08
CA LYS D 235 19.36 1.17 27.74
C LYS D 235 19.38 1.55 29.22
N TRP D 236 20.40 1.07 29.95
CA TRP D 236 20.43 1.27 31.39
C TRP D 236 20.72 2.72 31.76
N SER D 237 21.54 3.42 30.98
CA SER D 237 21.83 4.83 31.28
C SER D 237 20.58 5.68 31.18
N ARG D 238 19.79 5.51 30.12
CA ARG D 238 18.58 6.29 29.96
C ARG D 238 17.53 5.92 31.01
N LYS D 239 17.42 4.63 31.32
CA LYS D 239 16.44 4.19 32.32
C LYS D 239 16.76 4.77 33.69
N GLU D 240 18.03 4.74 34.10
CA GLU D 240 18.41 5.31 35.38
C GLU D 240 18.27 6.83 35.39
N LEU D 241 18.51 7.49 34.24
CA LEU D 241 18.35 8.93 34.18
C LEU D 241 16.90 9.33 34.40
N LYS D 242 15.96 8.65 33.75
CA LYS D 242 14.55 8.92 33.97
C LYS D 242 14.07 8.48 35.35
N LYS D 243 14.89 7.70 36.07
CA LYS D 243 14.56 7.34 37.44
C LYS D 243 14.92 8.45 38.42
N ILE D 244 15.96 9.23 38.14
CA ILE D 244 16.32 10.40 38.93
C ILE D 244 16.05 11.70 38.16
N GLU D 245 15.15 11.65 37.18
CA GLU D 245 14.73 12.80 36.37
C GLU D 245 15.84 13.34 35.47
#